data_9D7X
#
_entry.id   9D7X
#
_cell.length_a   1.00
_cell.length_b   1.00
_cell.length_c   1.00
_cell.angle_alpha   90.00
_cell.angle_beta   90.00
_cell.angle_gamma   90.00
#
_symmetry.space_group_name_H-M   'P 1'
#
loop_
_entity.id
_entity.type
_entity.pdbx_description
1 polymer 'Green fluorescence protein,MFS-type transporter SLC18B1,membrane protein with spm'
2 non-polymer SPERMINE
3 water water
#
_entity_poly.entity_id   1
_entity_poly.type   'polypeptide(L)'
_entity_poly.pdbx_seq_one_letter_code
;VSKGEELFTGVVPILVELDGDVNGHKFSVSGEGEGDATYGKLTLKLICTTGKLPVPWPTLVTTLGYGLQCFARYPDHMKQ
HDFFKSAMPEGYVQERTIFFKDDGNYKTRAEVKFEGDTLVNRIELKGIDFKEDGNILGHKLEYNYNSHNVYITADKQKNG
IKANFKIRHNIEDGGVQLADHYQQNTPIGDGPVLLPDNHYLSYQSKLSKDPNEKRDHMVLLEFVTAAGITTPGWLSREQV
FVLISAASVNLGSMMCYSILGPFFPKEAEKKGASNTIIGMIFGCFALFELLASLVFGNYLVHIGAKFMFVAGMFVSGGVT
ILFGVLDRVPDGPVFIAMCFLVRVMDAVSFAAAMTASSSILAKAFPNNVATVLGSLETFSGLGLILGPPVGGFLYQSFGY
EVPFIVLGCVVLLMVPLNMYILPNYESDPGEHSFWKLIALPKVGLIAFVINSLSSCFGFLDPTLSLFVLEKFNLPAGYVG
LVFLGMALSYAISSPLFGLLSDKRPPLRKWLLVFGNLITAGCYMLLGPVPILHIKSQLWLLVLILVVSGLSAGMSIIPTF
PEILSCAHENGFEEGLSTLGLVSGLFSAMWSIGAFMGPTLGGFLYEKIGFEWAAAIQGLWALISGLAMGLFYLLEYSQVQ
LVESGGALVQPGGSLRLSCAASGFPVNRYSMRWYRQAPGKEREWVAGMSSAGDRSSYEDSVKGRFTISRDDARNTVYLQM
NSLKPEDTAVYYCNVNVGFEYWGQGTQVTVS
;
_entity_poly.pdbx_strand_id   A
#
# COMPACT_ATOMS: atom_id res chain seq x y z
N VAL A 1 16.81 -5.11 -21.07
CA VAL A 1 15.44 -5.60 -21.14
C VAL A 1 15.17 -6.19 -22.51
N SER A 2 15.14 -7.52 -22.58
CA SER A 2 14.90 -8.24 -23.82
C SER A 2 13.40 -8.50 -23.98
N LYS A 3 13.03 -9.38 -24.92
CA LYS A 3 11.65 -9.73 -25.18
C LYS A 3 11.05 -10.58 -24.05
N GLY A 4 11.89 -11.21 -23.22
CA GLY A 4 11.40 -12.21 -22.29
C GLY A 4 10.55 -11.65 -21.15
N GLU A 5 10.62 -10.34 -20.92
CA GLU A 5 9.73 -9.72 -19.93
C GLU A 5 8.30 -9.69 -20.42
N GLU A 6 8.10 -9.67 -21.75
CA GLU A 6 6.78 -9.53 -22.35
C GLU A 6 5.85 -10.68 -21.98
N LEU A 7 6.39 -11.89 -21.88
CA LEU A 7 5.58 -13.03 -21.48
C LEU A 7 5.20 -12.98 -20.01
N PHE A 8 5.95 -12.25 -19.19
CA PHE A 8 5.79 -12.34 -17.74
C PHE A 8 4.99 -11.20 -17.14
N THR A 9 4.44 -10.29 -17.94
CA THR A 9 3.49 -9.31 -17.45
C THR A 9 2.09 -9.94 -17.52
N GLY A 10 1.56 -10.32 -16.37
CA GLY A 10 0.33 -11.07 -16.28
C GLY A 10 0.47 -12.31 -15.42
N VAL A 11 -0.63 -13.04 -15.33
CA VAL A 11 -0.72 -14.22 -14.47
C VAL A 11 -0.44 -15.47 -15.30
N VAL A 12 0.48 -16.30 -14.82
CA VAL A 12 0.97 -17.47 -15.55
C VAL A 12 0.58 -18.71 -14.76
N PRO A 13 -0.01 -19.72 -15.39
CA PRO A 13 -0.18 -21.02 -14.71
C PRO A 13 1.09 -21.84 -14.71
N ILE A 14 1.23 -22.66 -13.67
CA ILE A 14 2.48 -23.32 -13.30
C ILE A 14 2.22 -24.80 -13.06
N LEU A 15 3.03 -25.65 -13.69
CA LEU A 15 3.01 -27.09 -13.44
C LEU A 15 4.38 -27.53 -12.92
N VAL A 16 4.40 -28.19 -11.77
CA VAL A 16 5.63 -28.61 -11.11
C VAL A 16 5.58 -30.13 -10.92
N GLU A 17 6.68 -30.82 -11.22
CA GLU A 17 6.75 -32.26 -11.06
C GLU A 17 8.08 -32.66 -10.43
N LEU A 18 8.01 -33.52 -9.41
CA LEU A 18 9.16 -33.97 -8.63
C LEU A 18 9.20 -35.48 -8.61
N ASP A 19 10.36 -36.05 -8.93
CA ASP A 19 10.61 -37.49 -8.83
C ASP A 19 11.89 -37.67 -8.04
N GLY A 20 11.77 -38.13 -6.79
CA GLY A 20 12.93 -38.17 -5.91
C GLY A 20 12.98 -39.43 -5.09
N ASP A 21 14.17 -39.69 -4.57
CA ASP A 21 14.35 -40.75 -3.58
C ASP A 21 15.31 -40.27 -2.48
N VAL A 22 14.97 -40.59 -1.24
CA VAL A 22 15.79 -40.26 -0.09
C VAL A 22 16.09 -41.58 0.62
N ASN A 23 17.37 -41.97 0.60
CA ASN A 23 17.92 -43.18 1.22
C ASN A 23 17.21 -44.46 0.75
N GLY A 24 16.70 -44.47 -0.47
CA GLY A 24 15.95 -45.60 -0.99
C GLY A 24 14.45 -45.44 -0.98
N HIS A 25 13.90 -44.50 -0.21
CA HIS A 25 12.46 -44.29 -0.18
C HIS A 25 12.07 -43.30 -1.27
N LYS A 26 11.15 -43.69 -2.15
CA LYS A 26 10.83 -42.91 -3.33
C LYS A 26 9.54 -42.12 -3.16
N PHE A 27 9.46 -40.95 -3.80
CA PHE A 27 8.27 -40.13 -3.80
C PHE A 27 8.16 -39.34 -5.10
N SER A 28 6.92 -38.94 -5.41
CA SER A 28 6.59 -38.20 -6.62
C SER A 28 5.53 -37.17 -6.30
N VAL A 29 5.77 -35.93 -6.72
CA VAL A 29 4.95 -34.77 -6.35
C VAL A 29 4.49 -34.07 -7.61
N SER A 30 3.19 -33.80 -7.73
CA SER A 30 2.67 -33.02 -8.84
C SER A 30 1.93 -31.81 -8.29
N GLY A 31 2.08 -30.68 -8.94
CA GLY A 31 1.46 -29.47 -8.44
C GLY A 31 1.10 -28.48 -9.51
N GLU A 32 0.11 -27.65 -9.19
CA GLU A 32 -0.43 -26.65 -10.11
C GLU A 32 -0.60 -25.34 -9.35
N GLY A 33 -0.32 -24.23 -10.02
CA GLY A 33 -0.46 -22.95 -9.37
C GLY A 33 -0.52 -21.80 -10.34
N GLU A 34 -0.49 -20.59 -9.77
CA GLU A 34 -0.50 -19.36 -10.55
C GLU A 34 0.52 -18.38 -9.99
N GLY A 35 1.09 -17.57 -10.88
CA GLY A 35 2.10 -16.61 -10.48
C GLY A 35 2.05 -15.28 -11.20
N ASP A 36 2.46 -14.22 -10.51
CA ASP A 36 2.47 -12.87 -11.05
C ASP A 36 3.85 -12.25 -10.84
N ALA A 37 4.42 -11.67 -11.90
CA ALA A 37 5.79 -11.18 -11.85
C ALA A 37 5.89 -9.66 -11.79
N THR A 38 4.78 -8.93 -11.97
CA THR A 38 4.84 -7.49 -11.82
C THR A 38 4.93 -7.09 -10.35
N TYR A 39 4.18 -7.78 -9.48
CA TYR A 39 4.29 -7.59 -8.05
C TYR A 39 5.12 -8.69 -7.39
N GLY A 40 5.19 -9.88 -7.98
CA GLY A 40 6.02 -10.94 -7.47
C GLY A 40 5.33 -11.84 -6.46
N LYS A 41 4.15 -12.36 -6.81
CA LYS A 41 3.37 -13.19 -5.89
C LYS A 41 3.15 -14.55 -6.52
N LEU A 42 3.44 -15.59 -5.73
CA LEU A 42 3.45 -16.97 -6.21
C LEU A 42 2.51 -17.82 -5.36
N THR A 43 1.73 -18.68 -6.00
CA THR A 43 0.81 -19.57 -5.28
C THR A 43 0.84 -20.94 -5.94
N LEU A 44 1.14 -21.96 -5.14
CA LEU A 44 1.23 -23.33 -5.65
C LEU A 44 0.44 -24.27 -4.74
N LYS A 45 -0.31 -25.20 -5.34
CA LYS A 45 -0.85 -26.33 -4.61
C LYS A 45 -0.11 -27.58 -5.06
N LEU A 46 0.51 -28.26 -4.10
CA LEU A 46 1.35 -29.42 -4.37
C LEU A 46 0.73 -30.65 -3.71
N ILE A 47 0.67 -31.76 -4.45
CA ILE A 47 0.07 -33.00 -3.99
C ILE A 47 1.06 -34.12 -4.22
N CYS A 48 1.31 -34.93 -3.19
CA CYS A 48 2.09 -36.14 -3.32
C CYS A 48 1.18 -37.30 -3.74
N THR A 49 1.68 -38.13 -4.65
CA THR A 49 0.87 -39.21 -5.21
C THR A 49 1.25 -40.59 -4.70
N THR A 50 2.49 -40.79 -4.25
CA THR A 50 2.92 -42.13 -3.84
C THR A 50 2.29 -42.54 -2.52
N GLY A 51 2.27 -41.65 -1.53
CA GLY A 51 1.70 -41.98 -0.24
C GLY A 51 2.15 -41.02 0.85
N LYS A 52 2.55 -41.56 2.00
CA LYS A 52 3.13 -40.74 3.06
C LYS A 52 4.56 -40.39 2.67
N LEU A 53 4.79 -39.12 2.39
CA LEU A 53 6.08 -38.69 1.89
C LEU A 53 7.08 -38.61 3.05
N PRO A 54 8.28 -39.18 2.91
CA PRO A 54 9.16 -39.36 4.08
C PRO A 54 9.73 -38.07 4.66
N VAL A 55 10.33 -37.21 3.84
CA VAL A 55 11.00 -36.01 4.35
C VAL A 55 9.93 -34.97 4.71
N PRO A 56 10.20 -33.99 5.58
CA PRO A 56 9.16 -33.01 5.90
C PRO A 56 8.87 -32.07 4.74
N TRP A 57 7.69 -31.47 4.80
CA TRP A 57 7.26 -30.53 3.77
C TRP A 57 8.10 -29.25 3.63
N PRO A 58 8.58 -28.56 4.70
CA PRO A 58 9.40 -27.35 4.45
C PRO A 58 10.71 -27.59 3.71
N THR A 59 11.38 -28.72 3.94
CA THR A 59 12.69 -28.93 3.32
C THR A 59 12.62 -29.19 1.82
N LEU A 60 11.42 -29.44 1.30
CA LEU A 60 11.23 -29.56 -0.14
C LEU A 60 10.91 -28.23 -0.80
N VAL A 61 10.56 -27.20 -0.02
CA VAL A 61 9.98 -25.96 -0.56
C VAL A 61 10.96 -25.27 -1.50
N THR A 62 12.22 -25.17 -1.07
CA THR A 62 13.22 -24.50 -1.88
C THR A 62 13.61 -25.34 -3.09
N THR A 63 13.40 -26.66 -3.02
CA THR A 63 13.52 -27.46 -4.22
C THR A 63 12.36 -27.21 -5.17
N LEU A 64 11.15 -27.03 -4.61
CA LEU A 64 9.92 -26.99 -5.40
C LEU A 64 9.52 -25.57 -5.78
N GLY A 65 9.34 -24.71 -4.78
CA GLY A 65 8.81 -23.37 -5.02
C GLY A 65 9.86 -22.34 -5.39
N TYR A 66 11.07 -22.47 -4.85
CA TYR A 66 12.11 -21.49 -5.12
C TYR A 66 12.69 -21.64 -6.52
N GLY A 67 12.45 -22.78 -7.17
CA GLY A 67 12.89 -22.99 -8.54
C GLY A 67 12.19 -22.10 -9.54
N LEU A 68 11.05 -21.51 -9.17
CA LEU A 68 10.38 -20.49 -9.97
C LEU A 68 10.99 -19.11 -9.68
N GLN A 69 12.28 -18.98 -10.01
CA GLN A 69 13.02 -17.74 -9.86
C GLN A 69 12.52 -16.63 -10.79
N CYS A 70 11.87 -16.98 -11.90
CA CYS A 70 11.54 -16.03 -12.95
C CYS A 70 10.32 -15.18 -12.63
N PHE A 71 9.62 -15.44 -11.53
CA PHE A 71 8.54 -14.58 -11.08
C PHE A 71 8.98 -13.58 -10.03
N ALA A 72 10.27 -13.25 -9.99
CA ALA A 72 10.76 -12.23 -9.08
C ALA A 72 10.32 -10.85 -9.56
N ARG A 73 10.05 -9.96 -8.60
CA ARG A 73 9.81 -8.57 -8.95
C ARG A 73 11.12 -7.79 -8.92
N TYR A 74 11.55 -7.34 -10.10
CA TYR A 74 12.73 -6.53 -10.23
C TYR A 74 12.31 -5.06 -10.36
N PRO A 75 12.78 -4.17 -9.49
CA PRO A 75 12.46 -2.75 -9.64
C PRO A 75 13.15 -2.14 -10.85
N ASP A 76 12.88 -0.84 -11.03
CA ASP A 76 13.13 -0.17 -12.31
C ASP A 76 14.63 -0.06 -12.62
N HIS A 77 15.46 0.14 -11.60
CA HIS A 77 16.89 0.21 -11.81
C HIS A 77 17.54 -1.16 -11.91
N MET A 78 16.81 -2.23 -11.61
CA MET A 78 17.35 -3.58 -11.59
C MET A 78 17.14 -4.35 -12.89
N LYS A 79 16.38 -3.80 -13.85
CA LYS A 79 15.97 -4.59 -15.00
C LYS A 79 17.10 -4.90 -15.97
N GLN A 80 18.22 -4.16 -15.91
CA GLN A 80 19.37 -4.54 -16.70
C GLN A 80 20.25 -5.57 -16.00
N HIS A 81 19.84 -6.04 -14.82
CA HIS A 81 20.51 -7.13 -14.10
C HIS A 81 19.55 -8.28 -13.87
N ASP A 82 18.78 -8.65 -14.88
CA ASP A 82 17.80 -9.73 -14.81
C ASP A 82 18.27 -10.88 -15.68
N PHE A 83 18.39 -12.08 -15.10
CA PHE A 83 18.85 -13.25 -15.83
C PHE A 83 17.72 -14.24 -16.07
N PHE A 84 16.82 -14.41 -15.10
CA PHE A 84 15.79 -15.42 -15.20
C PHE A 84 14.77 -15.09 -16.29
N LYS A 85 14.39 -13.81 -16.40
CA LYS A 85 13.48 -13.42 -17.47
C LYS A 85 14.22 -13.27 -18.80
N SER A 86 15.55 -13.13 -18.76
CA SER A 86 16.31 -12.91 -19.98
C SER A 86 16.43 -14.20 -20.80
N ALA A 87 16.60 -15.34 -20.12
CA ALA A 87 16.79 -16.62 -20.81
C ALA A 87 15.51 -17.43 -20.89
N MET A 88 14.35 -16.85 -20.58
CA MET A 88 13.08 -17.56 -20.59
C MET A 88 12.15 -17.02 -21.68
N PRO A 89 12.52 -17.21 -22.97
CA PRO A 89 11.52 -17.69 -23.92
C PRO A 89 11.71 -19.18 -24.17
N GLU A 90 12.79 -19.74 -23.62
CA GLU A 90 13.26 -21.07 -24.00
C GLU A 90 13.65 -21.94 -22.80
N GLY A 91 13.97 -21.34 -21.66
CA GLY A 91 14.14 -22.06 -20.42
C GLY A 91 15.53 -21.92 -19.84
N TYR A 92 15.71 -22.49 -18.65
CA TYR A 92 17.01 -22.57 -18.00
C TYR A 92 17.09 -23.86 -17.19
N VAL A 93 18.30 -24.14 -16.70
CA VAL A 93 18.63 -25.36 -15.96
C VAL A 93 19.23 -24.94 -14.62
N GLN A 94 18.72 -25.51 -13.54
CA GLN A 94 19.06 -25.13 -12.17
C GLN A 94 19.61 -26.35 -11.44
N GLU A 95 20.89 -26.30 -11.09
CA GLU A 95 21.51 -27.33 -10.25
C GLU A 95 21.71 -26.75 -8.85
N ARG A 96 21.46 -27.57 -7.84
CA ARG A 96 21.57 -27.06 -6.48
C ARG A 96 22.06 -28.15 -5.54
N THR A 97 23.03 -27.80 -4.70
CA THR A 97 23.56 -28.68 -3.66
C THR A 97 23.17 -28.09 -2.30
N ILE A 98 22.52 -28.91 -1.48
CA ILE A 98 21.88 -28.47 -0.24
C ILE A 98 22.53 -29.25 0.89
N PHE A 99 23.39 -28.57 1.66
CA PHE A 99 24.11 -29.21 2.76
C PHE A 99 23.37 -28.95 4.07
N PHE A 100 23.05 -30.01 4.79
CA PHE A 100 22.46 -29.90 6.11
C PHE A 100 23.54 -30.06 7.17
N LYS A 101 23.46 -29.26 8.23
CA LYS A 101 24.43 -29.34 9.30
C LYS A 101 24.23 -30.63 10.09
N ASP A 102 25.33 -31.38 10.25
CA ASP A 102 25.41 -32.69 10.93
C ASP A 102 24.58 -33.78 10.25
N ASP A 103 24.16 -33.56 9.00
CA ASP A 103 23.36 -34.51 8.23
C ASP A 103 23.93 -34.56 6.82
N GLY A 104 23.17 -35.17 5.91
CA GLY A 104 23.59 -35.34 4.53
C GLY A 104 23.18 -34.19 3.64
N ASN A 105 23.07 -34.49 2.35
CA ASN A 105 22.87 -33.44 1.35
C ASN A 105 21.86 -33.83 0.28
N TYR A 106 21.23 -32.81 -0.28
CA TYR A 106 20.42 -32.92 -1.49
C TYR A 106 21.23 -32.48 -2.70
N LYS A 107 21.04 -33.18 -3.81
CA LYS A 107 21.51 -32.76 -5.13
C LYS A 107 20.31 -32.73 -6.06
N THR A 108 20.01 -31.55 -6.61
CA THR A 108 18.81 -31.35 -7.43
C THR A 108 19.22 -30.84 -8.80
N ARG A 109 18.56 -31.35 -9.83
CA ARG A 109 18.68 -30.80 -11.18
C ARG A 109 17.28 -30.55 -11.72
N ALA A 110 17.02 -29.32 -12.15
CA ALA A 110 15.70 -28.92 -12.59
C ALA A 110 15.79 -28.20 -13.93
N GLU A 111 14.74 -28.36 -14.75
CA GLU A 111 14.61 -27.63 -15.99
C GLU A 111 13.31 -26.83 -15.94
N VAL A 112 13.40 -25.52 -16.20
CA VAL A 112 12.24 -24.63 -16.19
C VAL A 112 12.09 -24.08 -17.61
N LYS A 113 10.91 -24.25 -18.20
CA LYS A 113 10.68 -23.82 -19.57
C LYS A 113 9.19 -23.68 -19.84
N PHE A 114 8.85 -22.80 -20.80
CA PHE A 114 7.47 -22.68 -21.28
C PHE A 114 7.10 -23.87 -22.13
N GLU A 115 5.94 -24.46 -21.83
CA GLU A 115 5.22 -25.33 -22.74
C GLU A 115 3.92 -24.61 -23.08
N GLY A 116 3.83 -24.11 -24.31
CA GLY A 116 2.70 -23.30 -24.72
C GLY A 116 2.66 -22.00 -23.94
N ASP A 117 1.55 -21.77 -23.23
CA ASP A 117 1.44 -20.69 -22.29
C ASP A 117 2.00 -21.08 -20.92
N THR A 118 1.85 -22.35 -20.53
CA THR A 118 2.18 -22.76 -19.17
C THR A 118 3.69 -22.84 -18.95
N LEU A 119 4.09 -22.82 -17.68
CA LEU A 119 5.48 -22.94 -17.29
C LEU A 119 5.68 -24.25 -16.56
N VAL A 120 6.68 -25.03 -16.98
CA VAL A 120 6.92 -26.36 -16.45
C VAL A 120 8.28 -26.38 -15.77
N ASN A 121 8.31 -26.92 -14.54
CA ASN A 121 9.52 -27.12 -13.76
C ASN A 121 9.63 -28.62 -13.50
N ARG A 122 10.55 -29.28 -14.17
CA ARG A 122 10.77 -30.70 -14.00
C ARG A 122 12.04 -30.92 -13.18
N ILE A 123 11.91 -31.61 -12.04
CA ILE A 123 12.92 -31.62 -10.99
C ILE A 123 13.30 -33.07 -10.69
N GLU A 124 14.61 -33.33 -10.56
CA GLU A 124 15.09 -34.60 -10.05
C GLU A 124 15.94 -34.36 -8.81
N LEU A 125 15.77 -35.24 -7.82
CA LEU A 125 16.28 -35.11 -6.45
C LEU A 125 17.03 -36.35 -6.02
N LYS A 126 18.14 -36.16 -5.30
CA LYS A 126 18.86 -37.26 -4.68
C LYS A 126 19.38 -36.83 -3.32
N GLY A 127 19.24 -37.72 -2.32
CA GLY A 127 19.66 -37.41 -0.97
C GLY A 127 20.62 -38.44 -0.43
N ILE A 128 21.64 -37.95 0.28
CA ILE A 128 22.75 -38.78 0.76
C ILE A 128 22.97 -38.54 2.25
N ASP A 129 23.15 -39.64 3.00
CA ASP A 129 23.70 -39.68 4.37
C ASP A 129 22.81 -38.99 5.41
N PHE A 130 21.58 -39.46 5.50
CA PHE A 130 20.63 -38.97 6.50
C PHE A 130 20.51 -39.98 7.63
N LYS A 131 20.50 -39.48 8.86
CA LYS A 131 20.26 -40.33 10.02
C LYS A 131 18.80 -40.76 10.07
N GLU A 132 18.58 -42.03 10.41
CA GLU A 132 17.21 -42.55 10.43
C GLU A 132 16.44 -42.08 11.66
N ASP A 133 17.14 -41.63 12.70
CA ASP A 133 16.53 -41.07 13.89
C ASP A 133 16.78 -39.57 13.99
N GLY A 134 17.23 -38.94 12.91
CA GLY A 134 17.63 -37.55 12.93
C GLY A 134 16.47 -36.59 12.86
N ASN A 135 16.79 -35.35 12.53
CA ASN A 135 15.78 -34.30 12.49
C ASN A 135 14.90 -34.42 11.25
N ILE A 136 15.49 -34.71 10.10
CA ILE A 136 14.73 -34.76 8.85
C ILE A 136 13.92 -36.05 8.75
N LEU A 137 14.60 -37.20 8.87
CA LEU A 137 13.89 -38.47 8.73
C LEU A 137 13.08 -38.83 9.96
N GLY A 138 13.30 -38.17 11.09
CA GLY A 138 12.49 -38.39 12.26
C GLY A 138 11.26 -37.51 12.37
N HIS A 139 10.99 -36.71 11.33
CA HIS A 139 9.83 -35.81 11.23
C HIS A 139 9.77 -34.82 12.39
N LYS A 140 10.93 -34.28 12.77
CA LYS A 140 11.00 -33.33 13.87
C LYS A 140 10.82 -31.87 13.44
N LEU A 141 10.80 -31.58 12.15
CA LEU A 141 10.65 -30.20 11.71
C LEU A 141 9.20 -29.73 11.83
N GLU A 142 9.03 -28.44 12.02
CA GLU A 142 7.73 -27.82 12.23
C GLU A 142 7.18 -27.27 10.92
N TYR A 143 5.86 -27.32 10.77
CA TYR A 143 5.17 -26.83 9.57
C TYR A 143 5.13 -25.29 9.61
N ASN A 144 6.29 -24.70 9.35
CA ASN A 144 6.52 -23.27 9.54
C ASN A 144 7.80 -22.90 8.82
N TYR A 145 7.72 -21.91 7.93
CA TYR A 145 8.88 -21.49 7.15
C TYR A 145 8.95 -19.98 7.18
N ASN A 146 10.16 -19.44 7.10
CA ASN A 146 10.37 -18.01 7.34
C ASN A 146 11.27 -17.37 6.28
N SER A 147 11.45 -16.06 6.42
CA SER A 147 11.95 -15.20 5.36
C SER A 147 13.47 -15.30 5.22
N HIS A 148 13.96 -15.11 3.99
CA HIS A 148 15.39 -15.32 3.72
C HIS A 148 15.86 -14.39 2.61
N ASN A 149 17.20 -14.38 2.42
CA ASN A 149 17.88 -13.56 1.43
C ASN A 149 18.78 -14.44 0.57
N VAL A 150 18.69 -14.26 -0.75
CA VAL A 150 19.42 -15.07 -1.73
C VAL A 150 20.44 -14.17 -2.41
N TYR A 151 21.72 -14.56 -2.37
CA TYR A 151 22.79 -13.74 -2.92
C TYR A 151 23.22 -14.30 -4.28
N ILE A 152 23.17 -13.46 -5.32
CA ILE A 152 23.48 -13.87 -6.68
C ILE A 152 24.69 -13.10 -7.19
N THR A 153 25.68 -13.85 -7.66
CA THR A 153 26.85 -13.39 -8.38
C THR A 153 26.80 -13.97 -9.80
N ALA A 154 27.54 -13.34 -10.71
CA ALA A 154 27.58 -13.82 -12.09
C ALA A 154 28.62 -14.93 -12.24
N ASP A 155 28.64 -15.56 -13.42
CA ASP A 155 29.68 -16.54 -13.75
C ASP A 155 29.81 -16.53 -15.27
N LYS A 156 30.81 -15.80 -15.77
CA LYS A 156 30.92 -15.52 -17.19
C LYS A 156 31.53 -16.65 -17.99
N GLN A 157 32.21 -17.60 -17.32
CA GLN A 157 32.82 -18.70 -18.05
C GLN A 157 31.78 -19.70 -18.53
N LYS A 158 30.77 -19.97 -17.71
CA LYS A 158 29.68 -20.87 -18.09
C LYS A 158 28.47 -20.13 -18.61
N ASN A 159 28.56 -18.80 -18.77
CA ASN A 159 27.48 -17.91 -19.20
C ASN A 159 26.25 -18.01 -18.30
N GLY A 160 26.47 -18.22 -17.01
CA GLY A 160 25.37 -18.41 -16.08
C GLY A 160 25.54 -17.65 -14.79
N ILE A 161 24.81 -18.01 -13.75
CA ILE A 161 24.94 -17.32 -12.47
C ILE A 161 25.12 -18.33 -11.34
N LYS A 162 25.74 -17.86 -10.26
CA LYS A 162 25.89 -18.62 -9.04
C LYS A 162 25.14 -17.92 -7.91
N ALA A 163 24.61 -18.71 -6.99
CA ALA A 163 23.81 -18.18 -5.89
C ALA A 163 24.14 -18.92 -4.60
N ASN A 164 24.25 -18.17 -3.52
CA ASN A 164 24.45 -18.73 -2.19
C ASN A 164 23.38 -18.20 -1.27
N PHE A 165 22.82 -19.10 -0.45
CA PHE A 165 21.90 -18.69 0.61
C PHE A 165 21.84 -19.75 1.71
N LYS A 166 21.40 -19.33 2.90
CA LYS A 166 21.39 -20.15 4.10
C LYS A 166 20.04 -20.05 4.78
N ILE A 167 19.48 -21.22 5.15
CA ILE A 167 18.08 -21.33 5.57
C ILE A 167 18.01 -21.99 6.94
N ARG A 168 17.21 -21.42 7.83
CA ARG A 168 16.97 -21.96 9.16
C ARG A 168 15.60 -22.65 9.20
N HIS A 169 15.61 -23.96 9.41
CA HIS A 169 14.39 -24.73 9.60
C HIS A 169 14.10 -24.85 11.09
N ASN A 170 12.88 -24.48 11.49
CA ASN A 170 12.50 -24.50 12.90
C ASN A 170 12.19 -25.91 13.35
N ILE A 171 12.74 -26.29 14.50
CA ILE A 171 12.59 -27.63 15.03
C ILE A 171 11.68 -27.53 16.25
N GLU A 172 10.87 -28.57 16.46
CA GLU A 172 9.81 -28.51 17.46
C GLU A 172 10.36 -28.45 18.89
N ASP A 173 11.56 -28.99 19.12
CA ASP A 173 12.17 -28.86 20.44
C ASP A 173 12.64 -27.43 20.73
N GLY A 174 12.88 -26.63 19.69
CA GLY A 174 13.28 -25.26 19.85
C GLY A 174 14.46 -24.89 18.97
N GLY A 175 15.14 -25.91 18.47
CA GLY A 175 16.34 -25.70 17.68
C GLY A 175 16.06 -25.24 16.27
N VAL A 176 17.15 -24.95 15.55
CA VAL A 176 17.09 -24.69 14.12
C VAL A 176 18.08 -25.61 13.41
N GLN A 177 17.76 -25.91 12.16
CA GLN A 177 18.63 -26.69 11.29
C GLN A 177 19.08 -25.79 10.14
N LEU A 178 20.40 -25.66 9.98
CA LEU A 178 20.97 -24.76 9.00
C LEU A 178 21.26 -25.51 7.70
N ALA A 179 20.60 -25.08 6.63
CA ALA A 179 20.80 -25.65 5.30
C ALA A 179 21.50 -24.63 4.43
N ASP A 180 22.68 -24.99 3.91
CA ASP A 180 23.43 -24.14 3.01
C ASP A 180 23.12 -24.55 1.59
N HIS A 181 22.64 -23.61 0.79
CA HIS A 181 22.26 -23.85 -0.59
C HIS A 181 23.28 -23.18 -1.50
N TYR A 182 23.94 -24.00 -2.32
CA TYR A 182 24.80 -23.55 -3.41
C TYR A 182 24.10 -23.85 -4.72
N GLN A 183 23.97 -22.84 -5.58
CA GLN A 183 23.10 -22.92 -6.74
C GLN A 183 23.81 -22.45 -8.00
N GLN A 184 23.63 -23.20 -9.08
CA GLN A 184 24.18 -22.89 -10.39
C GLN A 184 23.05 -22.82 -11.40
N ASN A 185 23.01 -21.74 -12.18
CA ASN A 185 21.96 -21.55 -13.18
C ASN A 185 22.60 -21.36 -14.55
N THR A 186 22.11 -22.10 -15.54
CA THR A 186 22.66 -22.17 -16.89
C THR A 186 21.56 -22.08 -17.92
N PRO A 187 21.67 -21.17 -18.90
CA PRO A 187 20.65 -21.10 -19.96
C PRO A 187 20.75 -22.28 -20.92
N ILE A 188 19.60 -22.65 -21.49
CA ILE A 188 19.54 -23.82 -22.36
C ILE A 188 20.06 -23.49 -23.74
N GLY A 189 19.49 -22.47 -24.39
CA GLY A 189 19.90 -22.07 -25.72
C GLY A 189 21.14 -21.21 -25.71
N ASP A 190 21.57 -20.82 -26.90
CA ASP A 190 22.73 -19.96 -27.08
C ASP A 190 22.35 -18.52 -27.39
N GLY A 191 21.13 -18.11 -27.02
CA GLY A 191 20.68 -16.78 -27.30
C GLY A 191 21.31 -15.74 -26.39
N PRO A 192 21.01 -14.46 -26.64
CA PRO A 192 21.58 -13.39 -25.81
C PRO A 192 20.99 -13.39 -24.42
N VAL A 193 21.82 -13.69 -23.43
CA VAL A 193 21.42 -13.68 -22.03
C VAL A 193 22.00 -12.42 -21.39
N LEU A 194 21.39 -12.01 -20.29
CA LEU A 194 21.75 -10.76 -19.61
C LEU A 194 22.47 -11.11 -18.31
N LEU A 195 23.78 -10.90 -18.29
CA LEU A 195 24.57 -11.22 -17.11
C LEU A 195 24.41 -10.11 -16.07
N PRO A 196 24.04 -10.44 -14.83
CA PRO A 196 23.77 -9.41 -13.83
C PRO A 196 24.97 -9.06 -12.96
N ASP A 197 24.82 -8.02 -12.16
CA ASP A 197 25.75 -7.69 -11.10
C ASP A 197 25.36 -8.43 -9.83
N ASN A 198 26.02 -8.08 -8.73
CA ASN A 198 25.78 -8.76 -7.46
C ASN A 198 24.51 -8.21 -6.82
N HIS A 199 23.55 -9.09 -6.53
CA HIS A 199 22.33 -8.58 -5.91
C HIS A 199 21.67 -9.67 -5.07
N TYR A 200 20.79 -9.26 -4.17
CA TYR A 200 20.11 -10.20 -3.28
C TYR A 200 18.60 -10.08 -3.39
N LEU A 201 17.93 -11.20 -3.21
CA LEU A 201 16.48 -11.29 -3.30
C LEU A 201 15.91 -11.67 -1.94
N SER A 202 14.90 -10.92 -1.50
CA SER A 202 14.19 -11.21 -0.27
C SER A 202 12.99 -12.09 -0.58
N TYR A 203 12.81 -13.14 0.24
CA TYR A 203 11.83 -14.19 0.04
C TYR A 203 11.00 -14.31 1.31
N GLN A 204 9.70 -14.04 1.21
CA GLN A 204 8.77 -14.18 2.32
C GLN A 204 7.74 -15.23 1.94
N SER A 205 7.63 -16.29 2.74
CA SER A 205 6.84 -17.46 2.37
C SER A 205 5.80 -17.78 3.44
N LYS A 206 4.78 -18.52 3.04
CA LYS A 206 3.68 -18.90 3.92
C LYS A 206 3.14 -20.26 3.48
N LEU A 207 3.10 -21.20 4.42
CA LEU A 207 2.63 -22.55 4.16
C LEU A 207 1.27 -22.77 4.80
N SER A 208 0.40 -23.47 4.08
CA SER A 208 -0.97 -23.68 4.53
C SER A 208 -1.43 -25.07 4.13
N LYS A 209 -2.51 -25.51 4.78
CA LYS A 209 -3.21 -26.74 4.42
C LYS A 209 -4.56 -26.36 3.84
N ASP A 210 -4.91 -26.94 2.70
CA ASP A 210 -6.25 -26.77 2.16
C ASP A 210 -7.27 -27.47 3.05
N PRO A 211 -8.41 -26.85 3.33
CA PRO A 211 -9.38 -27.48 4.24
C PRO A 211 -10.06 -28.71 3.66
N ASN A 212 -10.05 -28.89 2.34
CA ASN A 212 -10.81 -29.97 1.73
C ASN A 212 -9.91 -30.89 0.90
N GLU A 213 -8.77 -31.27 1.45
CA GLU A 213 -7.92 -32.29 0.83
C GLU A 213 -7.61 -33.39 1.83
N LYS A 214 -7.68 -34.63 1.34
CA LYS A 214 -7.45 -35.82 2.16
C LYS A 214 -6.10 -36.46 1.89
N ARG A 215 -5.52 -36.22 0.72
CA ARG A 215 -4.18 -36.67 0.41
C ARG A 215 -3.15 -35.72 1.03
N ASP A 216 -1.88 -36.03 0.82
CA ASP A 216 -0.81 -35.13 1.23
C ASP A 216 -0.80 -33.91 0.31
N HIS A 217 -0.82 -32.73 0.91
CA HIS A 217 -0.95 -31.50 0.13
C HIS A 217 -0.24 -30.36 0.85
N MET A 218 0.07 -29.32 0.08
CA MET A 218 0.69 -28.12 0.62
C MET A 218 0.25 -26.93 -0.23
N VAL A 219 -0.11 -25.84 0.43
CA VAL A 219 -0.40 -24.57 -0.22
C VAL A 219 0.76 -23.63 0.09
N LEU A 220 1.48 -23.22 -0.94
CA LEU A 220 2.68 -22.41 -0.81
C LEU A 220 2.42 -21.03 -1.39
N LEU A 221 2.63 -19.99 -0.59
CA LEU A 221 2.46 -18.60 -1.00
C LEU A 221 3.78 -17.88 -0.82
N GLU A 222 4.18 -17.11 -1.83
CA GLU A 222 5.52 -16.52 -1.85
C GLU A 222 5.49 -15.08 -2.34
N PHE A 223 6.28 -14.23 -1.70
CA PHE A 223 6.51 -12.85 -2.10
C PHE A 223 8.02 -12.65 -2.29
N VAL A 224 8.41 -12.20 -3.47
CA VAL A 224 9.81 -12.11 -3.87
C VAL A 224 10.11 -10.67 -4.28
N THR A 225 11.16 -10.09 -3.72
CA THR A 225 11.62 -8.77 -4.17
C THR A 225 13.13 -8.81 -4.38
N ALA A 226 13.63 -7.89 -5.22
CA ALA A 226 15.04 -7.82 -5.57
C ALA A 226 15.63 -6.50 -5.11
N ALA A 227 16.88 -6.54 -4.62
CA ALA A 227 17.54 -5.37 -4.09
C ALA A 227 19.05 -5.56 -4.13
N GLY A 228 19.77 -4.52 -3.72
CA GLY A 228 21.21 -4.60 -3.57
C GLY A 228 22.01 -3.53 -4.28
N ILE A 229 21.48 -3.01 -5.38
CA ILE A 229 22.17 -2.00 -6.20
C ILE A 229 21.58 -0.64 -5.88
N THR A 230 22.46 0.35 -5.64
CA THR A 230 22.04 1.68 -5.24
C THR A 230 21.37 2.42 -6.39
N THR A 231 20.76 3.56 -6.05
CA THR A 231 19.94 4.33 -6.98
C THR A 231 20.52 5.71 -7.19
N PRO A 232 20.31 6.31 -8.37
CA PRO A 232 20.64 7.74 -8.55
C PRO A 232 19.80 8.65 -7.66
N GLY A 233 18.59 8.24 -7.30
CA GLY A 233 17.75 9.02 -6.41
C GLY A 233 16.72 9.88 -7.08
N TRP A 234 16.37 9.60 -8.35
CA TRP A 234 15.43 10.45 -9.07
C TRP A 234 14.41 9.63 -9.84
N LEU A 235 13.68 10.28 -10.76
CA LEU A 235 12.50 9.71 -11.38
C LEU A 235 12.78 9.34 -12.83
N SER A 236 12.20 8.22 -13.26
CA SER A 236 12.28 7.80 -14.66
C SER A 236 11.21 8.56 -15.46
N ARG A 237 11.12 8.30 -16.76
CA ARG A 237 10.25 9.09 -17.62
C ARG A 237 8.78 8.80 -17.36
N GLU A 238 8.46 7.61 -16.83
CA GLU A 238 7.09 7.27 -16.50
C GLU A 238 6.53 8.20 -15.42
N GLN A 239 7.28 8.35 -14.33
CA GLN A 239 6.84 9.18 -13.22
C GLN A 239 6.77 10.66 -13.59
N VAL A 240 7.76 11.15 -14.34
CA VAL A 240 7.78 12.56 -14.74
C VAL A 240 6.64 12.86 -15.71
N PHE A 241 6.34 11.93 -16.63
CA PHE A 241 5.22 12.13 -17.54
C PHE A 241 3.88 12.14 -16.79
N VAL A 242 3.73 11.26 -15.80
CA VAL A 242 2.50 11.25 -15.00
C VAL A 242 2.38 12.54 -14.18
N LEU A 243 3.51 13.05 -13.65
CA LEU A 243 3.49 14.33 -12.93
C LEU A 243 3.08 15.50 -13.83
N ILE A 244 3.63 15.56 -15.04
CA ILE A 244 3.29 16.66 -15.96
C ILE A 244 1.84 16.58 -16.38
N SER A 245 1.33 15.36 -16.64
CA SER A 245 -0.07 15.20 -17.01
C SER A 245 -1.02 15.58 -15.87
N ALA A 246 -0.69 15.18 -14.64
CA ALA A 246 -1.53 15.50 -13.50
C ALA A 246 -1.52 17.00 -13.19
N ALA A 247 -0.35 17.63 -13.31
CA ALA A 247 -0.25 19.08 -13.13
C ALA A 247 -1.07 19.82 -14.18
N SER A 248 -0.99 19.37 -15.44
CA SER A 248 -1.72 20.01 -16.52
C SER A 248 -3.23 19.87 -16.34
N VAL A 249 -3.71 18.69 -15.95
CA VAL A 249 -5.15 18.50 -15.81
C VAL A 249 -5.69 19.27 -14.60
N ASN A 250 -4.90 19.35 -13.51
CA ASN A 250 -5.37 20.08 -12.34
C ASN A 250 -5.39 21.59 -12.58
N LEU A 251 -4.34 22.11 -13.22
CA LEU A 251 -4.32 23.54 -13.57
C LEU A 251 -5.43 23.91 -14.54
N GLY A 252 -5.65 23.08 -15.57
CA GLY A 252 -6.71 23.37 -16.53
C GLY A 252 -8.10 23.31 -15.93
N SER A 253 -8.36 22.30 -15.10
CA SER A 253 -9.68 22.16 -14.49
C SER A 253 -9.93 23.26 -13.45
N MET A 254 -8.88 23.72 -12.77
CA MET A 254 -9.10 24.81 -11.82
C MET A 254 -9.22 26.17 -12.52
N MET A 255 -8.58 26.35 -13.69
CA MET A 255 -8.91 27.50 -14.53
C MET A 255 -10.38 27.48 -14.92
N CYS A 256 -10.86 26.32 -15.39
CA CYS A 256 -12.24 26.17 -15.84
C CYS A 256 -13.24 26.40 -14.71
N TYR A 257 -12.94 25.90 -13.51
CA TYR A 257 -13.85 26.09 -12.39
C TYR A 257 -13.77 27.52 -11.86
N SER A 258 -12.59 28.15 -11.93
CA SER A 258 -12.38 29.41 -11.24
C SER A 258 -12.85 30.61 -12.05
N ILE A 259 -12.69 30.59 -13.38
CA ILE A 259 -12.92 31.82 -14.14
C ILE A 259 -14.42 32.10 -14.27
N LEU A 260 -15.25 31.05 -14.20
CA LEU A 260 -16.69 31.21 -14.31
C LEU A 260 -17.42 30.99 -12.99
N GLY A 261 -16.69 30.90 -11.88
CA GLY A 261 -17.29 30.71 -10.58
C GLY A 261 -17.87 31.99 -9.99
N ILE A 278 -33.08 25.48 -11.01
CA ILE A 278 -31.80 25.83 -10.40
C ILE A 278 -31.54 24.97 -9.17
N GLY A 279 -32.53 24.92 -8.27
CA GLY A 279 -32.41 24.03 -7.12
C GLY A 279 -32.44 22.56 -7.50
N MET A 280 -33.31 22.21 -8.47
CA MET A 280 -33.30 20.86 -9.01
C MET A 280 -32.01 20.58 -9.77
N ILE A 281 -31.46 21.61 -10.43
CA ILE A 281 -30.16 21.49 -11.09
C ILE A 281 -29.05 21.25 -10.08
N PHE A 282 -29.07 22.00 -8.97
CA PHE A 282 -28.05 21.85 -7.94
C PHE A 282 -28.17 20.51 -7.22
N GLY A 283 -29.39 19.99 -7.10
CA GLY A 283 -29.56 18.63 -6.60
C GLY A 283 -29.03 17.59 -7.58
N CYS A 284 -29.35 17.76 -8.87
CA CYS A 284 -29.03 16.76 -9.88
C CYS A 284 -27.53 16.66 -10.13
N PHE A 285 -26.82 17.78 -9.97
CA PHE A 285 -25.37 17.82 -10.15
C PHE A 285 -24.66 16.85 -9.20
N ALA A 286 -24.87 17.02 -7.89
CA ALA A 286 -24.26 16.11 -6.93
C ALA A 286 -24.90 14.73 -6.95
N LEU A 287 -26.19 14.64 -7.29
CA LEU A 287 -26.90 13.37 -7.31
C LEU A 287 -26.35 12.43 -8.37
N PHE A 288 -26.20 13.02 -9.40
CA PHE A 288 -25.64 12.17 -10.44
C PHE A 288 -24.12 12.17 -10.46
N GLU A 289 -23.43 13.08 -9.80
CA GLU A 289 -22.00 12.99 -9.52
C GLU A 289 -21.69 11.75 -8.71
N LEU A 290 -22.52 11.45 -7.71
CA LEU A 290 -22.37 10.23 -6.91
C LEU A 290 -22.52 8.97 -7.77
N LEU A 291 -23.56 8.95 -8.62
CA LEU A 291 -23.82 7.77 -9.45
C LEU A 291 -22.74 7.57 -10.51
N ALA A 292 -22.30 8.67 -11.13
CA ALA A 292 -21.27 8.59 -12.16
C ALA A 292 -19.93 8.16 -11.56
N SER A 293 -19.59 8.68 -10.37
CA SER A 293 -18.38 8.25 -9.68
C SER A 293 -18.44 6.77 -9.33
N LEU A 294 -19.61 6.29 -8.89
CA LEU A 294 -19.78 4.87 -8.57
C LEU A 294 -19.57 3.98 -9.79
N VAL A 295 -20.27 4.28 -10.90
CA VAL A 295 -20.20 3.40 -12.07
C VAL A 295 -18.83 3.50 -12.75
N PHE A 296 -18.23 4.70 -12.76
CA PHE A 296 -16.96 4.87 -13.47
C PHE A 296 -15.80 4.32 -12.65
N GLY A 297 -15.87 4.42 -11.32
CA GLY A 297 -14.82 3.82 -10.51
C GLY A 297 -14.95 2.32 -10.37
N ASN A 298 -16.17 1.80 -10.52
CA ASN A 298 -16.35 0.36 -10.48
C ASN A 298 -15.79 -0.29 -11.75
N TYR A 299 -16.14 0.24 -12.91
CA TYR A 299 -15.71 -0.32 -14.20
C TYR A 299 -14.54 0.48 -14.77
N LEU A 300 -13.40 0.43 -14.08
CA LEU A 300 -12.25 1.22 -14.50
C LEU A 300 -11.46 0.51 -15.59
N VAL A 301 -11.07 -0.75 -15.37
CA VAL A 301 -10.22 -1.46 -16.32
C VAL A 301 -10.96 -1.90 -17.57
N HIS A 302 -12.30 -1.92 -17.54
CA HIS A 302 -13.06 -2.29 -18.72
C HIS A 302 -13.00 -1.21 -19.79
N ILE A 303 -13.04 0.06 -19.37
CA ILE A 303 -12.94 1.16 -20.32
C ILE A 303 -11.48 1.49 -20.63
N GLY A 304 -10.67 1.70 -19.59
CA GLY A 304 -9.29 2.07 -19.76
C GLY A 304 -8.98 3.40 -19.09
N ALA A 305 -7.87 3.45 -18.35
CA ALA A 305 -7.55 4.67 -17.60
C ALA A 305 -7.09 5.79 -18.52
N LYS A 306 -6.29 5.44 -19.54
CA LYS A 306 -5.84 6.41 -20.52
C LYS A 306 -6.99 7.00 -21.31
N PHE A 307 -7.91 6.14 -21.77
CA PHE A 307 -9.05 6.60 -22.55
C PHE A 307 -10.00 7.44 -21.71
N MET A 308 -10.21 7.03 -20.45
CA MET A 308 -11.05 7.81 -19.54
C MET A 308 -10.44 9.17 -19.25
N PHE A 309 -9.11 9.23 -19.10
CA PHE A 309 -8.42 10.49 -18.84
C PHE A 309 -8.56 11.46 -20.01
N VAL A 310 -8.24 10.99 -21.23
CA VAL A 310 -8.29 11.88 -22.39
C VAL A 310 -9.74 12.23 -22.75
N ALA A 311 -10.67 11.29 -22.53
CA ALA A 311 -12.08 11.58 -22.80
C ALA A 311 -12.66 12.55 -21.79
N GLY A 312 -12.21 12.45 -20.53
CA GLY A 312 -12.65 13.41 -19.53
C GLY A 312 -12.16 14.81 -19.80
N MET A 313 -10.90 14.95 -20.23
CA MET A 313 -10.39 16.27 -20.58
C MET A 313 -11.08 16.81 -21.84
N PHE A 314 -11.37 15.94 -22.81
CA PHE A 314 -12.09 16.35 -24.01
C PHE A 314 -13.50 16.80 -23.71
N VAL A 315 -14.21 16.07 -22.85
CA VAL A 315 -15.59 16.42 -22.52
C VAL A 315 -15.62 17.68 -21.65
N SER A 316 -14.64 17.85 -20.75
CA SER A 316 -14.56 19.09 -19.97
C SER A 316 -14.28 20.30 -20.84
N GLY A 317 -13.44 20.14 -21.87
CA GLY A 317 -13.25 21.21 -22.83
C GLY A 317 -14.49 21.48 -23.65
N GLY A 318 -15.26 20.44 -23.98
CA GLY A 318 -16.53 20.65 -24.64
C GLY A 318 -17.53 21.40 -23.78
N VAL A 319 -17.54 21.11 -22.48
CA VAL A 319 -18.41 21.84 -21.55
C VAL A 319 -17.99 23.30 -21.44
N THR A 320 -16.68 23.56 -21.33
CA THR A 320 -16.25 24.96 -21.20
C THR A 320 -16.32 25.71 -22.52
N ILE A 321 -16.44 25.02 -23.66
CA ILE A 321 -16.68 25.74 -24.91
C ILE A 321 -18.18 26.01 -25.08
N LEU A 322 -19.02 25.00 -24.86
CA LEU A 322 -20.45 25.16 -25.11
C LEU A 322 -21.19 25.85 -23.98
N PHE A 323 -20.31 26.12 -22.79
CA PHE A 323 -20.83 26.91 -21.68
C PHE A 323 -21.15 28.34 -22.11
N GLY A 324 -20.47 28.78 -22.83
CA GLY A 324 -20.57 30.19 -23.17
C GLY A 324 -21.60 30.52 -24.21
N VAL A 325 -22.40 29.54 -24.64
CA VAL A 325 -23.32 29.71 -25.75
C VAL A 325 -24.70 30.03 -25.16
N LEU A 326 -24.81 29.92 -23.83
CA LEU A 326 -26.10 30.08 -23.15
C LEU A 326 -26.66 31.50 -23.24
N ASP A 327 -25.80 32.51 -23.41
CA ASP A 327 -26.28 33.87 -23.59
C ASP A 327 -26.94 34.07 -24.95
N ARG A 328 -26.52 33.30 -25.96
CA ARG A 328 -27.14 33.37 -27.27
C ARG A 328 -28.41 32.52 -27.36
N VAL A 329 -28.69 31.68 -26.37
CA VAL A 329 -29.85 30.80 -26.39
C VAL A 329 -30.98 31.48 -25.64
N PRO A 330 -32.13 31.73 -26.27
CA PRO A 330 -33.27 32.28 -25.53
C PRO A 330 -33.88 31.26 -24.58
N ASP A 331 -34.55 31.78 -23.56
CA ASP A 331 -35.19 30.92 -22.57
C ASP A 331 -36.41 30.23 -23.16
N GLY A 332 -36.53 28.94 -22.88
CA GLY A 332 -37.62 28.15 -23.41
C GLY A 332 -37.32 26.66 -23.38
N PRO A 333 -37.93 25.90 -24.30
CA PRO A 333 -37.67 24.45 -24.34
C PRO A 333 -36.27 24.07 -24.79
N VAL A 334 -35.52 24.98 -25.41
CA VAL A 334 -34.17 24.70 -25.86
C VAL A 334 -33.21 24.96 -24.70
N PHE A 335 -33.57 25.95 -23.86
CA PHE A 335 -32.72 26.34 -22.74
C PHE A 335 -32.58 25.23 -21.71
N ILE A 336 -33.68 24.55 -21.38
CA ILE A 336 -33.62 23.47 -20.39
C ILE A 336 -32.85 22.27 -20.96
N ALA A 337 -33.04 21.99 -22.25
CA ALA A 337 -32.36 20.86 -22.87
C ALA A 337 -30.87 21.12 -23.06
N MET A 338 -30.47 22.39 -23.09
CA MET A 338 -29.06 22.69 -23.12
C MET A 338 -28.45 22.70 -21.72
N CYS A 339 -29.09 23.38 -20.76
CA CYS A 339 -28.52 23.55 -19.44
C CYS A 339 -28.43 22.24 -18.67
N PHE A 340 -29.62 21.31 -18.79
CA PHE A 340 -29.57 19.97 -18.23
C PHE A 340 -28.40 19.19 -18.79
N LEU A 341 -28.19 19.23 -19.99
CA LEU A 341 -27.16 18.43 -20.62
C LEU A 341 -25.75 18.90 -20.25
N VAL A 342 -25.54 20.22 -20.18
CA VAL A 342 -24.23 20.75 -19.81
C VAL A 342 -23.89 20.41 -18.36
N ARG A 343 -25.02 20.57 -17.43
CA ARG A 343 -24.81 20.18 -16.03
C ARG A 343 -24.45 18.71 -15.91
N VAL A 344 -25.09 17.79 -16.60
CA VAL A 344 -24.85 16.36 -16.53
C VAL A 344 -23.47 15.99 -17.09
N MET A 345 -23.10 16.58 -18.23
CA MET A 345 -21.79 16.28 -18.81
C MET A 345 -20.65 16.83 -17.96
N ASP A 346 -20.94 18.08 -17.28
CA ASP A 346 -19.94 18.60 -16.32
C ASP A 346 -19.74 17.55 -15.23
N ALA A 347 -20.77 16.95 -14.65
CA ALA A 347 -20.67 15.99 -13.55
C ALA A 347 -19.93 14.73 -13.97
N VAL A 348 -20.28 14.17 -15.14
CA VAL A 348 -19.63 12.94 -15.60
C VAL A 348 -18.16 13.18 -15.93
N SER A 349 -17.84 14.34 -16.51
CA SER A 349 -16.46 14.66 -16.84
C SER A 349 -15.61 14.83 -15.58
N PHE A 350 -16.15 15.48 -14.55
CA PHE A 350 -15.42 15.66 -13.30
C PHE A 350 -15.19 14.31 -12.61
N ALA A 351 -16.21 13.45 -12.60
CA ALA A 351 -16.08 12.13 -11.97
C ALA A 351 -15.04 11.27 -12.69
N ALA A 352 -15.11 11.25 -14.03
CA ALA A 352 -14.17 10.46 -14.83
C ALA A 352 -12.74 10.97 -14.67
N ALA A 353 -12.56 12.29 -14.69
CA ALA A 353 -11.22 12.87 -14.60
C ALA A 353 -10.58 12.60 -13.24
N MET A 354 -11.41 12.83 -12.20
CA MET A 354 -10.89 12.62 -10.86
C MET A 354 -10.53 11.16 -10.63
N THR A 355 -11.39 10.20 -11.02
CA THR A 355 -11.18 8.78 -10.81
C THR A 355 -9.98 8.26 -11.60
N ALA A 356 -9.87 8.65 -12.88
CA ALA A 356 -8.77 8.20 -13.71
C ALA A 356 -7.44 8.78 -13.25
N SER A 357 -7.42 10.06 -12.88
CA SER A 357 -6.17 10.69 -12.44
C SER A 357 -5.69 10.10 -11.12
N SER A 358 -6.62 9.84 -10.19
CA SER A 358 -6.25 9.22 -8.93
C SER A 358 -5.72 7.80 -9.11
N SER A 359 -6.35 7.02 -10.00
CA SER A 359 -5.89 5.65 -10.25
C SER A 359 -4.50 5.62 -10.89
N ILE A 360 -4.29 6.44 -11.92
CA ILE A 360 -2.98 6.47 -12.60
C ILE A 360 -1.90 7.00 -11.68
N LEU A 361 -2.22 8.02 -10.87
CA LEU A 361 -1.22 8.63 -10.01
C LEU A 361 -0.88 7.71 -8.84
N ALA A 362 -1.84 6.91 -8.38
CA ALA A 362 -1.54 5.94 -7.34
C ALA A 362 -0.74 4.77 -7.89
N LYS A 363 -0.98 4.41 -9.16
CA LYS A 363 -0.24 3.29 -9.75
C LYS A 363 1.21 3.67 -10.04
N ALA A 364 1.43 4.89 -10.53
CA ALA A 364 2.78 5.32 -10.93
C ALA A 364 3.71 5.45 -9.72
N PHE A 365 3.20 5.99 -8.62
CA PHE A 365 3.99 6.07 -7.38
C PHE A 365 3.41 5.10 -6.37
N PRO A 366 3.97 3.90 -6.23
CA PRO A 366 3.36 2.90 -5.34
C PRO A 366 3.67 3.13 -3.86
N ASN A 367 4.88 3.58 -3.55
CA ASN A 367 5.23 3.84 -2.16
C ASN A 367 4.76 5.24 -1.72
N ASN A 368 5.21 6.38 -2.61
CA ASN A 368 4.85 7.81 -2.38
C ASN A 368 3.49 8.16 -2.98
N VAL A 369 2.56 7.71 -1.92
CA VAL A 369 1.19 7.94 -2.40
C VAL A 369 0.66 9.30 -1.93
N ALA A 370 0.76 9.59 -0.63
CA ALA A 370 0.13 10.79 -0.09
C ALA A 370 0.88 12.06 -0.51
N THR A 371 2.20 11.95 -0.69
CA THR A 371 3.02 13.11 -1.01
C THR A 371 2.69 13.67 -2.39
N VAL A 372 2.45 12.78 -3.37
CA VAL A 372 2.22 13.24 -4.73
C VAL A 372 0.83 13.85 -4.88
N LEU A 373 -0.17 13.33 -4.17
CA LEU A 373 -1.48 13.98 -4.17
C LEU A 373 -1.45 15.29 -3.39
N GLY A 374 -0.60 15.39 -2.37
CA GLY A 374 -0.41 16.67 -1.70
C GLY A 374 0.21 17.73 -2.61
N SER A 375 1.19 17.32 -3.40
CA SER A 375 1.78 18.23 -4.38
C SER A 375 0.79 18.60 -5.48
N LEU A 376 -0.08 17.65 -5.85
CA LEU A 376 -1.13 17.94 -6.82
C LEU A 376 -2.13 18.96 -6.28
N GLU A 377 -2.45 18.87 -4.98
CA GLU A 377 -3.30 19.88 -4.36
C GLU A 377 -2.59 21.23 -4.24
N THR A 378 -1.26 21.22 -4.08
CA THR A 378 -0.49 22.47 -4.16
C THR A 378 -0.61 23.11 -5.54
N PHE A 379 -0.55 22.29 -6.60
CA PHE A 379 -0.80 22.80 -7.95
C PHE A 379 -2.23 23.30 -8.11
N SER A 380 -3.18 22.68 -7.41
CA SER A 380 -4.55 23.19 -7.40
C SER A 380 -4.65 24.55 -6.71
N GLY A 381 -3.90 24.74 -5.64
CA GLY A 381 -3.85 26.05 -4.99
C GLY A 381 -3.21 27.11 -5.88
N LEU A 382 -2.20 26.71 -6.66
CA LEU A 382 -1.63 27.61 -7.66
C LEU A 382 -2.65 27.93 -8.74
N GLY A 383 -3.47 26.95 -9.13
CA GLY A 383 -4.56 27.20 -10.06
C GLY A 383 -5.58 28.19 -9.52
N LEU A 384 -5.81 28.00 -8.29
CA LEU A 384 -6.79 28.88 -7.67
C LEU A 384 -6.29 30.31 -7.60
N ILE A 385 -4.92 30.54 -7.26
CA ILE A 385 -4.34 31.87 -7.11
C ILE A 385 -4.07 32.51 -8.48
N LEU A 386 -3.95 31.72 -9.55
CA LEU A 386 -3.71 32.28 -10.86
C LEU A 386 -4.86 32.06 -11.85
N GLY A 387 -6.05 31.71 -11.39
CA GLY A 387 -7.23 31.73 -12.23
C GLY A 387 -7.90 33.09 -12.39
N PRO A 388 -8.46 33.63 -11.31
CA PRO A 388 -9.17 34.94 -11.36
C PRO A 388 -8.33 36.12 -11.82
N PRO A 389 -6.97 36.24 -11.52
CA PRO A 389 -6.25 37.40 -12.08
C PRO A 389 -6.15 37.42 -13.59
N VAL A 390 -5.78 36.30 -14.23
CA VAL A 390 -5.73 36.32 -15.69
C VAL A 390 -7.13 36.29 -16.29
N GLY A 391 -8.11 35.76 -15.53
CA GLY A 391 -9.49 35.85 -15.97
C GLY A 391 -10.00 37.28 -16.06
N GLY A 392 -9.73 38.07 -15.02
CA GLY A 392 -10.05 39.49 -15.09
C GLY A 392 -9.20 40.25 -16.09
N PHE A 393 -7.95 39.81 -16.28
CA PHE A 393 -7.05 40.43 -17.26
C PHE A 393 -7.57 40.26 -18.68
N LEU A 394 -8.15 39.09 -18.99
CA LEU A 394 -8.76 38.90 -20.29
C LEU A 394 -10.17 39.50 -20.36
N TYR A 395 -10.88 39.54 -19.23
CA TYR A 395 -12.25 40.06 -19.21
C TYR A 395 -12.28 41.56 -19.44
N GLN A 396 -11.36 42.30 -18.80
CA GLN A 396 -11.30 43.75 -18.99
C GLN A 396 -10.83 44.09 -20.38
N SER A 397 -9.98 43.25 -20.98
CA SER A 397 -9.43 43.55 -22.29
C SER A 397 -10.41 43.24 -23.41
N PHE A 398 -10.86 41.98 -23.51
CA PHE A 398 -11.58 41.52 -24.69
C PHE A 398 -13.07 41.32 -24.51
N GLY A 399 -13.54 40.97 -23.32
CA GLY A 399 -14.96 40.82 -23.11
C GLY A 399 -15.29 39.59 -22.29
N TYR A 400 -16.49 39.05 -22.51
CA TYR A 400 -17.00 37.93 -21.73
C TYR A 400 -17.06 36.62 -22.50
N GLU A 401 -16.95 36.66 -23.83
CA GLU A 401 -16.98 35.43 -24.64
C GLU A 401 -15.60 34.99 -25.09
N VAL A 402 -14.69 35.94 -25.31
CA VAL A 402 -13.32 35.59 -25.72
C VAL A 402 -12.54 34.80 -24.66
N PRO A 403 -12.57 35.15 -23.34
CA PRO A 403 -11.88 34.27 -22.37
C PRO A 403 -12.41 32.84 -22.31
N PHE A 404 -13.72 32.65 -22.49
CA PHE A 404 -14.29 31.31 -22.48
C PHE A 404 -13.76 30.47 -23.64
N ILE A 405 -13.75 31.04 -24.85
CA ILE A 405 -13.31 30.28 -26.01
C ILE A 405 -11.80 30.10 -26.02
N VAL A 406 -11.04 31.04 -25.44
CA VAL A 406 -9.58 30.84 -25.43
C VAL A 406 -9.19 29.81 -24.37
N LEU A 407 -9.95 29.74 -23.26
CA LEU A 407 -9.67 28.70 -22.28
C LEU A 407 -10.10 27.33 -22.81
N GLY A 408 -11.20 27.29 -23.57
CA GLY A 408 -11.57 26.07 -24.26
C GLY A 408 -10.53 25.65 -25.28
N CYS A 409 -9.92 26.62 -25.96
CA CYS A 409 -8.82 26.32 -26.87
C CYS A 409 -7.64 25.69 -26.15
N VAL A 410 -7.29 26.21 -24.96
CA VAL A 410 -6.18 25.65 -24.18
C VAL A 410 -6.49 24.23 -23.73
N VAL A 411 -7.72 24.00 -23.23
CA VAL A 411 -8.08 22.68 -22.71
C VAL A 411 -8.17 21.65 -23.83
N LEU A 412 -8.73 22.03 -25.00
CA LEU A 412 -8.71 21.14 -26.16
C LEU A 412 -7.30 20.88 -26.68
N LEU A 413 -6.45 21.91 -26.72
CA LEU A 413 -5.12 21.72 -27.28
C LEU A 413 -4.19 20.96 -26.36
N MET A 414 -4.52 20.84 -25.07
CA MET A 414 -3.69 20.02 -24.20
C MET A 414 -3.86 18.53 -24.48
N VAL A 415 -5.02 18.11 -24.98
CA VAL A 415 -5.36 16.70 -25.27
C VAL A 415 -4.40 16.02 -26.28
N PRO A 416 -4.05 16.60 -27.45
CA PRO A 416 -3.11 15.86 -28.33
C PRO A 416 -1.70 15.74 -27.76
N LEU A 417 -1.29 16.68 -26.93
CA LEU A 417 -0.01 16.51 -26.22
C LEU A 417 -0.16 15.50 -25.09
N ASN A 418 -1.35 15.42 -24.49
CA ASN A 418 -1.60 14.51 -23.38
C ASN A 418 -1.65 13.06 -23.85
N MET A 419 -2.07 12.82 -25.10
CA MET A 419 -2.21 11.46 -25.61
C MET A 419 -0.87 10.74 -25.70
N TYR A 420 0.16 11.42 -26.19
CA TYR A 420 1.46 10.78 -26.34
C TYR A 420 2.20 10.62 -25.02
N ILE A 421 1.95 11.50 -24.05
CA ILE A 421 2.77 11.57 -22.85
C ILE A 421 2.28 10.61 -21.76
N LEU A 422 0.98 10.23 -21.76
CA LEU A 422 0.46 9.35 -20.72
C LEU A 422 0.75 7.90 -21.08
N PRO A 423 1.15 7.05 -20.14
CA PRO A 423 1.42 5.65 -20.46
C PRO A 423 0.16 4.79 -20.47
N ASN A 424 0.34 3.55 -20.92
CA ASN A 424 -0.72 2.56 -20.98
C ASN A 424 -0.49 1.55 -19.86
N TYR A 425 -1.49 1.38 -19.00
CA TYR A 425 -1.46 0.36 -17.95
C TYR A 425 -2.67 -0.55 -18.20
N GLU A 426 -2.40 -1.76 -18.69
CA GLU A 426 -3.46 -2.72 -18.98
C GLU A 426 -3.40 -3.85 -17.96
N SER A 427 -4.53 -4.14 -17.34
CA SER A 427 -4.61 -5.14 -16.29
C SER A 427 -5.80 -6.06 -16.52
N ASP A 428 -5.79 -7.18 -15.82
CA ASP A 428 -6.89 -8.14 -15.90
C ASP A 428 -8.15 -7.56 -15.26
N PRO A 429 -9.33 -8.01 -15.70
CA PRO A 429 -10.57 -7.57 -15.04
C PRO A 429 -10.67 -8.06 -13.61
N GLY A 430 -11.31 -7.24 -12.77
CA GLY A 430 -11.45 -7.60 -11.37
C GLY A 430 -12.51 -8.67 -11.14
N GLU A 431 -12.48 -9.24 -9.94
CA GLU A 431 -13.41 -10.29 -9.56
C GLU A 431 -14.18 -9.99 -8.29
N HIS A 432 -13.61 -9.22 -7.36
CA HIS A 432 -14.35 -8.82 -6.16
C HIS A 432 -15.18 -7.57 -6.45
N SER A 433 -16.40 -7.56 -5.93
CA SER A 433 -17.36 -6.52 -6.24
C SER A 433 -17.22 -5.34 -5.28
N PHE A 434 -18.13 -4.38 -5.42
CA PHE A 434 -18.13 -3.19 -4.56
C PHE A 434 -18.68 -3.51 -3.17
N TRP A 435 -19.57 -4.50 -3.09
CA TRP A 435 -20.13 -4.90 -1.79
C TRP A 435 -19.09 -5.61 -0.93
N LYS A 436 -18.05 -6.16 -1.54
CA LYS A 436 -16.96 -6.75 -0.76
C LYS A 436 -16.17 -5.67 -0.04
N LEU A 437 -15.99 -4.50 -0.68
CA LEU A 437 -15.17 -3.46 -0.09
C LEU A 437 -15.98 -2.57 0.85
N ILE A 438 -17.27 -2.37 0.57
CA ILE A 438 -18.05 -1.45 1.40
C ILE A 438 -18.51 -2.10 2.70
N ALA A 439 -18.40 -3.43 2.82
CA ALA A 439 -18.91 -4.15 3.98
C ALA A 439 -17.91 -4.27 5.12
N LEU A 440 -16.99 -3.32 5.25
CA LEU A 440 -16.03 -3.30 6.34
C LEU A 440 -16.30 -2.11 7.27
N PRO A 441 -16.03 -2.25 8.58
CA PRO A 441 -16.38 -1.15 9.49
C PRO A 441 -15.46 0.05 9.39
N LYS A 442 -14.14 -0.16 9.27
CA LYS A 442 -13.19 0.94 9.19
C LYS A 442 -13.43 1.79 7.94
N VAL A 443 -13.82 1.13 6.85
CA VAL A 443 -14.21 1.82 5.62
C VAL A 443 -15.40 2.74 5.87
N GLY A 444 -16.40 2.24 6.61
CA GLY A 444 -17.58 3.05 6.89
C GLY A 444 -17.31 4.25 7.79
N LEU A 445 -16.49 4.07 8.83
CA LEU A 445 -16.18 5.18 9.71
C LEU A 445 -15.30 6.24 9.03
N ILE A 446 -14.35 5.81 8.20
CA ILE A 446 -13.55 6.79 7.43
C ILE A 446 -14.42 7.51 6.40
N ALA A 447 -15.40 6.79 5.84
CA ALA A 447 -16.39 7.42 4.96
C ALA A 447 -17.22 8.46 5.68
N PHE A 448 -17.58 8.18 6.94
CA PHE A 448 -18.34 9.15 7.73
C PHE A 448 -17.49 10.38 8.05
N VAL A 449 -16.17 10.18 8.26
CA VAL A 449 -15.24 11.30 8.44
C VAL A 449 -15.25 12.21 7.22
N ILE A 450 -15.10 11.62 6.02
CA ILE A 450 -15.06 12.38 4.78
C ILE A 450 -16.39 13.10 4.53
N ASN A 451 -17.50 12.41 4.82
CA ASN A 451 -18.83 12.99 4.63
C ASN A 451 -19.05 14.18 5.56
N SER A 452 -18.64 14.07 6.83
CA SER A 452 -18.81 15.17 7.76
C SER A 452 -17.93 16.38 7.39
N LEU A 453 -16.70 16.13 6.95
CA LEU A 453 -15.82 17.24 6.55
C LEU A 453 -16.34 17.95 5.30
N SER A 454 -16.82 17.18 4.32
CA SER A 454 -17.38 17.79 3.11
C SER A 454 -18.67 18.54 3.41
N SER A 455 -19.47 18.04 4.37
CA SER A 455 -20.66 18.77 4.79
C SER A 455 -20.30 20.07 5.50
N CYS A 456 -19.19 20.07 6.24
CA CYS A 456 -18.70 21.30 6.88
C CYS A 456 -18.32 22.34 5.83
N PHE A 457 -17.70 21.82 5.03
CA PHE A 457 -17.27 22.76 3.99
C PHE A 457 -18.45 23.32 3.21
N GLY A 458 -19.55 22.42 2.73
CA GLY A 458 -20.77 22.79 2.01
C GLY A 458 -21.64 23.76 2.79
N PHE A 459 -21.66 23.63 4.12
CA PHE A 459 -22.36 24.62 4.92
C PHE A 459 -21.58 25.93 5.00
N LEU A 460 -20.24 25.84 5.01
CA LEU A 460 -19.42 27.01 5.23
C LEU A 460 -19.38 27.90 3.99
N ASP A 461 -19.67 27.35 2.80
CA ASP A 461 -19.56 28.11 1.56
C ASP A 461 -20.61 29.24 1.46
N PRO A 462 -21.96 29.01 1.45
CA PRO A 462 -22.85 30.13 1.08
C PRO A 462 -23.18 31.10 2.21
N THR A 463 -23.11 30.65 3.47
CA THR A 463 -23.63 31.41 4.60
C THR A 463 -22.68 32.52 5.04
N LEU A 464 -21.37 32.34 4.85
CA LEU A 464 -20.37 33.23 5.44
C LEU A 464 -20.42 34.64 4.87
N SER A 465 -20.67 34.76 3.56
CA SER A 465 -20.77 36.08 2.94
C SER A 465 -21.94 36.88 3.50
N LEU A 466 -23.10 36.23 3.63
CA LEU A 466 -24.27 36.87 4.23
C LEU A 466 -24.03 37.21 5.69
N PHE A 467 -23.36 36.33 6.44
CA PHE A 467 -23.16 36.54 7.86
C PHE A 467 -22.20 37.70 8.12
N VAL A 468 -21.09 37.76 7.37
CA VAL A 468 -20.13 38.85 7.49
C VAL A 468 -20.74 40.17 7.03
N LEU A 469 -21.50 40.16 5.93
CA LEU A 469 -22.11 41.39 5.45
C LEU A 469 -23.25 41.84 6.36
N GLU A 470 -23.86 40.92 7.10
CA GLU A 470 -24.99 41.27 7.94
C GLU A 470 -24.54 41.77 9.30
N LYS A 471 -23.40 41.27 9.81
CA LYS A 471 -22.96 41.74 11.12
C LYS A 471 -21.86 42.80 11.07
N PHE A 472 -21.08 42.88 9.98
CA PHE A 472 -19.93 43.78 9.97
C PHE A 472 -19.91 44.73 8.78
N ASN A 473 -20.88 44.64 7.86
CA ASN A 473 -21.08 45.56 6.74
C ASN A 473 -19.84 45.62 5.83
N LEU A 474 -19.55 44.46 5.23
CA LEU A 474 -18.32 44.30 4.49
C LEU A 474 -18.62 43.62 3.16
N PRO A 475 -18.03 44.08 2.05
CA PRO A 475 -18.41 43.57 0.73
C PRO A 475 -17.85 42.17 0.45
N ALA A 476 -18.10 41.71 -0.78
CA ALA A 476 -17.83 40.33 -1.16
C ALA A 476 -16.37 40.08 -1.52
N GLY A 477 -15.58 41.12 -1.74
CA GLY A 477 -14.17 40.93 -1.99
C GLY A 477 -13.44 40.37 -0.79
N TYR A 478 -13.86 40.77 0.40
CA TYR A 478 -13.23 40.27 1.63
C TYR A 478 -13.59 38.81 1.90
N VAL A 479 -14.84 38.41 1.62
CA VAL A 479 -15.18 37.00 1.86
C VAL A 479 -14.57 36.11 0.77
N GLY A 480 -14.39 36.66 -0.44
CA GLY A 480 -13.58 35.96 -1.43
C GLY A 480 -12.13 35.83 -0.99
N LEU A 481 -11.62 36.86 -0.32
CA LEU A 481 -10.25 36.83 0.18
C LEU A 481 -10.08 35.80 1.30
N VAL A 482 -11.08 35.65 2.18
CA VAL A 482 -10.94 34.68 3.26
C VAL A 482 -11.17 33.25 2.75
N PHE A 483 -11.99 33.09 1.69
CA PHE A 483 -12.06 31.79 1.02
C PHE A 483 -10.73 31.43 0.37
N LEU A 484 -10.09 32.41 -0.28
CA LEU A 484 -8.77 32.22 -0.87
C LEU A 484 -7.72 31.91 0.20
N GLY A 485 -7.81 32.57 1.36
CA GLY A 485 -6.86 32.31 2.43
C GLY A 485 -7.03 30.92 3.04
N MET A 486 -8.29 30.47 3.17
CA MET A 486 -8.55 29.10 3.63
C MET A 486 -7.98 28.08 2.66
N ALA A 487 -8.20 28.28 1.36
CA ALA A 487 -7.68 27.31 0.39
C ALA A 487 -6.17 27.43 0.22
N LEU A 488 -5.59 28.59 0.52
CA LEU A 488 -4.13 28.72 0.48
C LEU A 488 -3.49 28.01 1.66
N SER A 489 -4.12 28.08 2.84
CA SER A 489 -3.67 27.29 3.98
C SER A 489 -3.81 25.79 3.70
N TYR A 490 -4.93 25.31 3.18
CA TYR A 490 -5.03 23.92 2.75
C TYR A 490 -3.91 23.57 1.77
N ALA A 491 -3.53 24.51 0.67
CA ALA A 491 -2.51 24.18 -0.31
C ALA A 491 -1.12 24.09 0.32
N ILE A 492 -0.86 24.89 1.35
CA ILE A 492 0.41 24.77 2.04
C ILE A 492 0.45 23.53 2.93
N SER A 493 -0.62 23.26 3.67
CA SER A 493 -0.60 22.17 4.63
C SER A 493 -0.76 20.79 4.01
N SER A 494 -1.28 20.69 2.78
CA SER A 494 -1.48 19.38 2.17
C SER A 494 -0.19 18.59 1.89
N PRO A 495 0.87 19.15 1.25
CA PRO A 495 2.04 18.29 0.98
C PRO A 495 2.84 17.90 2.21
N LEU A 496 2.89 18.77 3.23
CA LEU A 496 3.65 18.46 4.44
C LEU A 496 3.02 17.31 5.21
N PHE A 497 1.69 17.33 5.36
CA PHE A 497 1.03 16.25 6.07
C PHE A 497 0.96 14.99 5.22
N GLY A 498 0.94 15.14 3.89
CA GLY A 498 1.09 13.97 3.03
C GLY A 498 2.46 13.30 3.17
N LEU A 499 3.51 14.12 3.25
CA LEU A 499 4.86 13.61 3.44
C LEU A 499 5.01 12.93 4.81
N LEU A 500 4.47 13.55 5.85
CA LEU A 500 4.54 12.96 7.19
C LEU A 500 3.70 11.69 7.28
N SER A 501 2.58 11.64 6.56
CA SER A 501 1.78 10.43 6.45
C SER A 501 2.56 9.32 5.76
N ASP A 502 3.31 9.59 4.82
CA ASP A 502 4.04 8.56 4.10
C ASP A 502 5.27 8.09 4.88
N LYS A 503 5.98 9.01 5.43
CA LYS A 503 7.19 8.56 6.13
C LYS A 503 6.87 7.69 7.34
N ARG A 504 5.83 8.05 8.11
CA ARG A 504 5.39 7.25 9.25
C ARG A 504 3.96 6.79 9.03
N PRO A 505 3.75 5.60 8.47
CA PRO A 505 2.40 5.01 8.39
C PRO A 505 1.72 4.78 9.73
N PRO A 506 2.39 4.31 10.82
CA PRO A 506 1.62 4.13 12.08
C PRO A 506 1.07 5.40 12.69
N LEU A 507 1.63 6.57 12.38
CA LEU A 507 1.07 7.83 12.83
C LEU A 507 0.04 8.38 11.85
N ARG A 508 -0.40 7.58 10.87
CA ARG A 508 -1.48 7.99 9.97
C ARG A 508 -2.78 8.20 10.75
N LYS A 509 -3.12 7.24 11.60
CA LYS A 509 -4.43 7.22 12.25
C LYS A 509 -4.61 8.38 13.22
N TRP A 510 -3.57 8.70 14.00
CA TRP A 510 -3.65 9.84 14.90
C TRP A 510 -3.51 11.15 14.14
N LEU A 511 -3.05 11.09 12.89
CA LEU A 511 -3.06 12.28 12.05
C LEU A 511 -4.45 12.54 11.52
N LEU A 512 -5.34 11.54 11.60
CA LEU A 512 -6.71 11.66 11.14
C LEU A 512 -7.66 11.98 12.30
N VAL A 513 -7.64 11.14 13.34
CA VAL A 513 -8.64 11.18 14.42
C VAL A 513 -8.56 12.49 15.18
N PHE A 514 -7.35 12.95 15.47
CA PHE A 514 -7.17 14.25 16.12
C PHE A 514 -7.65 15.39 15.22
N GLY A 515 -7.40 15.26 13.90
CA GLY A 515 -7.58 16.37 12.99
C GLY A 515 -9.03 16.82 12.88
N ASN A 516 -9.94 15.86 12.77
CA ASN A 516 -11.37 16.16 12.72
C ASN A 516 -11.81 16.83 14.03
N LEU A 517 -11.24 16.40 15.16
CA LEU A 517 -11.49 17.06 16.44
C LEU A 517 -11.08 18.52 16.41
N ILE A 518 -9.93 18.82 15.80
CA ILE A 518 -9.48 20.21 15.68
C ILE A 518 -10.47 20.98 14.80
N THR A 519 -11.00 20.32 13.77
CA THR A 519 -12.04 20.91 12.92
C THR A 519 -13.27 21.22 13.73
N ALA A 520 -13.63 20.32 14.65
CA ALA A 520 -14.77 20.53 15.54
C ALA A 520 -14.54 21.74 16.43
N GLY A 521 -13.29 21.91 16.89
CA GLY A 521 -12.95 23.09 17.67
C GLY A 521 -13.12 24.37 16.87
N CYS A 522 -12.74 24.33 15.58
CA CYS A 522 -12.94 25.49 14.73
C CYS A 522 -14.41 25.75 14.48
N TYR A 523 -15.26 24.72 14.56
CA TYR A 523 -16.67 25.01 14.36
C TYR A 523 -17.34 25.40 15.66
N MET A 524 -16.60 25.40 16.77
CA MET A 524 -17.16 25.96 18.01
C MET A 524 -16.90 27.45 18.11
N LEU A 525 -15.71 27.89 17.70
CA LEU A 525 -15.32 29.29 17.82
C LEU A 525 -15.40 30.07 16.52
N LEU A 526 -15.98 29.49 15.45
CA LEU A 526 -16.19 30.21 14.21
C LEU A 526 -17.17 31.35 14.45
N GLY A 527 -18.40 31.00 14.77
CA GLY A 527 -19.30 31.93 15.41
C GLY A 527 -19.19 31.72 16.90
N PRO A 528 -18.83 32.77 17.66
CA PRO A 528 -18.71 32.63 19.11
C PRO A 528 -20.05 32.31 19.76
N VAL A 529 -20.17 31.08 20.27
CA VAL A 529 -21.43 30.51 20.76
C VAL A 529 -21.90 31.31 21.97
N PRO A 530 -23.20 31.62 22.08
CA PRO A 530 -23.69 32.33 23.27
C PRO A 530 -23.53 31.55 24.57
N ILE A 531 -23.36 30.23 24.50
CA ILE A 531 -22.92 29.48 25.68
C ILE A 531 -21.49 29.87 26.05
N LEU A 532 -20.64 30.08 25.04
CA LEU A 532 -19.23 30.35 25.29
C LEU A 532 -19.01 31.77 25.83
N HIS A 533 -19.82 32.73 25.38
CA HIS A 533 -19.74 34.15 25.74
C HIS A 533 -18.36 34.75 25.40
N ILE A 534 -18.08 34.78 24.10
CA ILE A 534 -16.88 35.42 23.56
C ILE A 534 -17.34 36.57 22.66
N LYS A 535 -16.74 37.75 22.86
CA LYS A 535 -17.11 38.91 22.09
C LYS A 535 -16.70 38.76 20.63
N SER A 536 -17.62 39.13 19.73
CA SER A 536 -17.43 38.90 18.31
C SER A 536 -16.39 39.85 17.72
N GLN A 537 -15.51 39.31 16.89
CA GLN A 537 -14.46 40.07 16.22
C GLN A 537 -14.01 39.30 14.99
N LEU A 538 -13.74 40.04 13.90
CA LEU A 538 -13.57 39.41 12.60
C LEU A 538 -12.17 38.81 12.43
N TRP A 539 -11.18 39.29 13.19
CA TRP A 539 -9.87 38.65 13.17
C TRP A 539 -9.95 37.24 13.75
N LEU A 540 -10.85 37.02 14.69
CA LEU A 540 -11.12 35.66 15.16
C LEU A 540 -11.72 34.82 14.05
N LEU A 541 -12.58 35.40 13.23
CA LEU A 541 -13.16 34.68 12.09
C LEU A 541 -12.09 34.26 11.09
N VAL A 542 -11.18 35.16 10.72
CA VAL A 542 -10.17 34.81 9.72
C VAL A 542 -9.14 33.84 10.32
N LEU A 543 -8.84 33.96 11.62
CA LEU A 543 -7.88 33.03 12.23
C LEU A 543 -8.46 31.62 12.34
N ILE A 544 -9.73 31.51 12.75
CA ILE A 544 -10.41 30.21 12.79
C ILE A 544 -10.53 29.63 11.38
N LEU A 545 -10.72 30.47 10.36
CA LEU A 545 -10.77 29.95 8.99
C LEU A 545 -9.43 29.37 8.53
N VAL A 546 -8.31 30.03 8.84
CA VAL A 546 -7.00 29.48 8.48
C VAL A 546 -6.70 28.19 9.24
N VAL A 547 -7.01 28.16 10.55
CA VAL A 547 -6.77 26.94 11.34
C VAL A 547 -7.69 25.81 10.88
N SER A 548 -8.93 26.14 10.46
CA SER A 548 -9.85 25.13 9.95
C SER A 548 -9.38 24.55 8.63
N GLY A 549 -8.84 25.41 7.75
CA GLY A 549 -8.25 24.92 6.52
C GLY A 549 -7.04 24.02 6.77
N LEU A 550 -6.24 24.37 7.78
CA LEU A 550 -5.09 23.54 8.14
C LEU A 550 -5.53 22.17 8.66
N SER A 551 -6.55 22.13 9.52
CA SER A 551 -7.02 20.86 10.06
C SER A 551 -7.69 20.01 8.99
N ALA A 552 -8.44 20.63 8.09
CA ALA A 552 -9.09 19.90 7.01
C ALA A 552 -8.08 19.34 6.02
N GLY A 553 -7.04 20.11 5.70
CA GLY A 553 -5.98 19.60 4.84
C GLY A 553 -5.14 18.54 5.53
N MET A 554 -5.06 18.59 6.86
CA MET A 554 -4.37 17.55 7.60
C MET A 554 -5.19 16.26 7.61
N SER A 555 -6.53 16.38 7.64
CA SER A 555 -7.36 15.20 7.68
C SER A 555 -7.57 14.55 6.31
N ILE A 556 -7.62 15.35 5.24
CA ILE A 556 -8.14 14.84 3.97
C ILE A 556 -7.09 14.01 3.22
N ILE A 557 -5.82 14.14 3.57
CA ILE A 557 -4.78 13.40 2.85
C ILE A 557 -4.59 11.95 3.31
N PRO A 558 -4.52 11.58 4.61
CA PRO A 558 -4.25 10.17 4.93
C PRO A 558 -5.40 9.20 4.68
N THR A 559 -6.54 9.62 4.14
CA THR A 559 -7.64 8.67 3.94
C THR A 559 -7.38 7.73 2.77
N PHE A 560 -6.63 8.17 1.76
CA PHE A 560 -6.41 7.32 0.60
C PHE A 560 -5.46 6.15 0.86
N PRO A 561 -4.25 6.34 1.46
CA PRO A 561 -3.44 5.15 1.78
C PRO A 561 -4.02 4.28 2.86
N GLU A 562 -4.87 4.81 3.75
CA GLU A 562 -5.47 4.00 4.79
C GLU A 562 -6.49 3.02 4.23
N ILE A 563 -7.39 3.49 3.36
CA ILE A 563 -8.35 2.60 2.71
C ILE A 563 -7.64 1.65 1.76
N LEU A 564 -6.58 2.13 1.08
CA LEU A 564 -5.82 1.26 0.19
C LEU A 564 -5.12 0.13 0.96
N SER A 565 -4.53 0.45 2.11
CA SER A 565 -3.88 -0.57 2.92
C SER A 565 -4.87 -1.51 3.57
N CYS A 566 -6.07 -1.01 3.93
CA CYS A 566 -7.11 -1.89 4.45
C CYS A 566 -7.59 -2.89 3.41
N ALA A 567 -7.81 -2.41 2.17
CA ALA A 567 -8.22 -3.31 1.10
C ALA A 567 -7.12 -4.30 0.74
N HIS A 568 -5.85 -3.87 0.81
CA HIS A 568 -4.75 -4.78 0.56
C HIS A 568 -4.59 -5.81 1.69
N GLU A 569 -4.93 -5.42 2.91
CA GLU A 569 -4.95 -6.34 4.03
C GLU A 569 -6.06 -7.38 3.93
N ASN A 570 -7.24 -6.99 3.42
CA ASN A 570 -8.39 -7.88 3.39
C ASN A 570 -8.63 -8.50 2.00
N GLY A 571 -7.55 -8.87 1.32
CA GLY A 571 -7.65 -9.80 0.21
C GLY A 571 -8.11 -9.23 -1.11
N PHE A 572 -7.90 -7.94 -1.35
CA PHE A 572 -8.15 -7.37 -2.67
C PHE A 572 -6.86 -7.47 -3.48
N GLU A 573 -6.97 -8.02 -4.69
CA GLU A 573 -5.81 -8.28 -5.53
C GLU A 573 -5.16 -6.98 -5.98
N GLU A 574 -3.83 -6.94 -5.92
CA GLU A 574 -3.10 -5.73 -6.28
C GLU A 574 -3.18 -5.47 -7.77
N GLY A 575 -3.53 -4.24 -8.12
CA GLY A 575 -3.71 -3.88 -9.52
C GLY A 575 -4.48 -2.57 -9.62
N LEU A 576 -4.93 -2.28 -10.85
CA LEU A 576 -5.66 -1.05 -11.08
C LEU A 576 -7.09 -1.10 -10.55
N SER A 577 -7.65 -2.31 -10.39
CA SER A 577 -9.04 -2.43 -9.96
C SER A 577 -9.23 -1.99 -8.51
N THR A 578 -8.27 -2.32 -7.64
CA THR A 578 -8.33 -1.90 -6.24
C THR A 578 -8.23 -0.38 -6.11
N LEU A 579 -7.30 0.22 -6.87
CA LEU A 579 -7.15 1.67 -6.87
C LEU A 579 -8.40 2.35 -7.43
N GLY A 580 -9.01 1.74 -8.45
CA GLY A 580 -10.23 2.29 -9.02
C GLY A 580 -11.40 2.26 -8.05
N LEU A 581 -11.53 1.16 -7.29
CA LEU A 581 -12.58 1.09 -6.28
C LEU A 581 -12.36 2.10 -5.15
N VAL A 582 -11.10 2.27 -4.71
CA VAL A 582 -10.84 3.22 -3.63
C VAL A 582 -11.06 4.66 -4.10
N SER A 583 -10.65 4.98 -5.35
CA SER A 583 -10.91 6.30 -5.91
C SER A 583 -12.40 6.57 -6.09
N GLY A 584 -13.15 5.55 -6.53
CA GLY A 584 -14.59 5.69 -6.67
C GLY A 584 -15.29 5.93 -5.35
N LEU A 585 -14.86 5.22 -4.30
CA LEU A 585 -15.42 5.45 -2.96
C LEU A 585 -15.08 6.83 -2.43
N PHE A 586 -13.79 7.18 -2.68
CA PHE A 586 -13.37 8.52 -2.24
C PHE A 586 -14.25 9.60 -2.87
N SER A 587 -14.44 9.64 -4.22
CA SER A 587 -15.27 10.62 -4.90
C SER A 587 -16.75 10.48 -4.53
N ALA A 588 -17.20 9.25 -4.24
CA ALA A 588 -18.58 9.03 -3.82
C ALA A 588 -18.89 9.69 -2.49
N MET A 589 -17.99 9.54 -1.52
CA MET A 589 -18.24 10.13 -0.21
C MET A 589 -18.07 11.65 -0.24
N TRP A 590 -17.16 12.15 -1.09
CA TRP A 590 -17.08 13.60 -1.32
C TRP A 590 -18.38 14.14 -1.92
N SER A 591 -18.97 13.39 -2.86
CA SER A 591 -20.23 13.82 -3.48
C SER A 591 -21.39 13.80 -2.49
N ILE A 592 -21.46 12.75 -1.64
CA ILE A 592 -22.52 12.67 -0.64
C ILE A 592 -22.41 13.80 0.38
N GLY A 593 -21.18 14.12 0.79
CA GLY A 593 -20.98 15.24 1.69
C GLY A 593 -21.36 16.57 1.06
N ALA A 594 -20.96 16.78 -0.20
CA ALA A 594 -21.28 18.04 -0.88
C ALA A 594 -22.75 18.16 -1.25
N PHE A 595 -23.49 17.04 -1.25
CA PHE A 595 -24.94 17.15 -1.44
C PHE A 595 -25.64 17.42 -0.11
N MET A 596 -25.28 16.67 0.94
CA MET A 596 -26.00 16.75 2.20
C MET A 596 -25.66 18.02 2.97
N GLY A 597 -24.50 18.62 2.72
CA GLY A 597 -24.06 19.81 3.43
C GLY A 597 -24.89 21.06 3.23
N PRO A 598 -24.93 21.59 1.99
CA PRO A 598 -25.67 22.84 1.73
C PRO A 598 -27.17 22.76 2.02
N THR A 599 -27.80 21.61 1.80
CA THR A 599 -29.26 21.49 1.98
C THR A 599 -29.66 21.65 3.45
N LEU A 600 -29.14 20.78 4.32
CA LEU A 600 -29.45 20.88 5.74
C LEU A 600 -28.81 22.10 6.37
N GLY A 601 -27.67 22.56 5.84
CA GLY A 601 -27.06 23.79 6.35
C GLY A 601 -27.93 25.00 6.09
N GLY A 602 -28.46 25.12 4.88
CA GLY A 602 -29.36 26.22 4.58
C GLY A 602 -30.68 26.12 5.32
N PHE A 603 -31.20 24.90 5.51
CA PHE A 603 -32.45 24.72 6.26
C PHE A 603 -32.28 25.11 7.72
N LEU A 604 -31.20 24.65 8.36
CA LEU A 604 -30.95 25.06 9.73
C LEU A 604 -30.57 26.53 9.84
N TYR A 605 -29.99 27.12 8.78
CA TYR A 605 -29.76 28.55 8.77
C TYR A 605 -31.07 29.33 8.79
N GLU A 606 -31.98 29.02 7.85
CA GLU A 606 -33.24 29.74 7.78
C GLU A 606 -34.17 29.41 8.95
N LYS A 607 -33.88 28.34 9.68
CA LYS A 607 -34.60 28.11 10.94
C LYS A 607 -34.01 28.93 12.09
N ILE A 608 -32.74 28.70 12.44
CA ILE A 608 -32.20 29.22 13.70
C ILE A 608 -30.88 29.94 13.55
N GLY A 609 -30.64 30.62 12.43
CA GLY A 609 -29.43 31.39 12.26
C GLY A 609 -28.23 30.53 11.90
N PHE A 610 -27.14 31.21 11.55
CA PHE A 610 -25.84 30.58 11.33
C PHE A 610 -25.25 30.04 12.62
N GLU A 611 -25.60 30.65 13.76
CA GLU A 611 -24.85 30.51 14.99
C GLU A 611 -24.98 29.11 15.57
N TRP A 612 -26.20 28.57 15.60
CA TRP A 612 -26.40 27.20 16.05
C TRP A 612 -26.12 26.17 14.96
N ALA A 613 -26.22 26.55 13.69
CA ALA A 613 -25.94 25.60 12.61
C ALA A 613 -24.46 25.25 12.55
N ALA A 614 -23.59 26.21 12.85
CA ALA A 614 -22.16 25.93 12.96
C ALA A 614 -21.89 24.95 14.11
N ALA A 615 -22.61 25.09 15.22
CA ALA A 615 -22.46 24.17 16.33
C ALA A 615 -22.98 22.77 15.98
N ILE A 616 -24.05 22.69 15.19
CA ILE A 616 -24.56 21.39 14.75
C ILE A 616 -23.56 20.68 13.84
N GLN A 617 -22.95 21.42 12.91
CA GLN A 617 -21.93 20.83 12.04
C GLN A 617 -20.70 20.39 12.84
N GLY A 618 -20.30 21.20 13.83
CA GLY A 618 -19.24 20.79 14.73
C GLY A 618 -19.61 19.57 15.57
N LEU A 619 -20.89 19.41 15.89
CA LEU A 619 -21.33 18.25 16.64
C LEU A 619 -21.26 16.98 15.80
N TRP A 620 -21.60 17.08 14.51
CA TRP A 620 -21.38 15.94 13.60
C TRP A 620 -19.90 15.57 13.50
N ALA A 621 -19.04 16.59 13.39
CA ALA A 621 -17.60 16.34 13.35
C ALA A 621 -17.10 15.70 14.65
N LEU A 622 -17.63 16.15 15.78
CA LEU A 622 -17.28 15.60 17.08
C LEU A 622 -17.68 14.14 17.21
N ILE A 623 -18.90 13.81 16.75
CA ILE A 623 -19.40 12.44 16.80
C ILE A 623 -18.54 11.51 15.95
N SER A 624 -18.20 11.97 14.74
CA SER A 624 -17.36 11.17 13.84
C SER A 624 -15.96 10.95 14.41
N GLY A 625 -15.37 12.00 15.00
CA GLY A 625 -14.05 11.87 15.59
C GLY A 625 -14.03 10.96 16.81
N LEU A 626 -15.06 11.03 17.66
CA LEU A 626 -15.09 10.16 18.83
C LEU A 626 -15.36 8.71 18.43
N ALA A 627 -16.12 8.49 17.35
CA ALA A 627 -16.31 7.13 16.83
C ALA A 627 -14.99 6.56 16.33
N MET A 628 -14.20 7.38 15.63
CA MET A 628 -12.86 6.95 15.20
C MET A 628 -11.96 6.63 16.39
N GLY A 629 -12.01 7.47 17.43
CA GLY A 629 -11.19 7.22 18.61
C GLY A 629 -11.56 5.95 19.34
N LEU A 630 -12.87 5.71 19.50
CA LEU A 630 -13.34 4.51 20.18
C LEU A 630 -12.98 3.25 19.38
N PHE A 631 -13.14 3.31 18.05
CA PHE A 631 -12.78 2.17 17.21
C PHE A 631 -11.29 1.90 17.27
N TYR A 632 -10.46 2.94 17.17
CA TYR A 632 -9.02 2.73 17.08
C TYR A 632 -8.38 2.43 18.42
N LEU A 633 -9.07 2.70 19.54
CA LEU A 633 -8.65 2.14 20.81
C LEU A 633 -9.36 0.83 21.16
N LEU A 634 -10.28 0.35 20.32
CA LEU A 634 -10.91 -0.93 20.57
C LEU A 634 -10.71 -1.96 19.46
N GLU A 635 -9.66 -1.86 18.65
CA GLU A 635 -9.38 -2.89 17.67
C GLU A 635 -7.92 -3.28 17.54
N TYR A 636 -6.99 -2.54 18.15
CA TYR A 636 -5.59 -2.60 17.73
C TYR A 636 -4.94 -3.90 18.17
N SER A 637 -4.45 -4.66 17.19
CA SER A 637 -3.74 -5.91 17.45
C SER A 637 -2.72 -6.07 16.33
N GLN A 638 -1.49 -5.62 16.57
CA GLN A 638 -0.39 -5.78 15.64
C GLN A 638 0.75 -6.49 16.36
N VAL A 639 1.36 -7.46 15.69
CA VAL A 639 2.43 -8.22 16.31
C VAL A 639 3.72 -7.40 16.23
N GLN A 640 4.04 -6.69 17.31
CA GLN A 640 5.35 -6.09 17.46
C GLN A 640 5.99 -6.67 18.72
N LEU A 641 7.31 -6.67 18.75
CA LEU A 641 8.07 -7.27 19.82
C LEU A 641 9.09 -6.25 20.32
N VAL A 642 8.97 -5.86 21.58
CA VAL A 642 9.85 -4.87 22.16
C VAL A 642 10.84 -5.57 23.09
N GLU A 643 12.09 -5.15 22.99
CA GLU A 643 13.20 -5.78 23.70
C GLU A 643 13.75 -4.84 24.75
N SER A 644 14.16 -5.40 25.89
CA SER A 644 14.66 -4.57 26.98
C SER A 644 15.70 -5.33 27.79
N GLY A 645 16.71 -4.61 28.26
CA GLY A 645 17.67 -5.18 29.17
C GLY A 645 19.14 -4.95 28.83
N GLY A 646 19.42 -4.05 27.91
CA GLY A 646 20.81 -3.81 27.53
C GLY A 646 21.58 -3.08 28.62
N ALA A 647 22.78 -3.58 28.91
CA ALA A 647 23.62 -3.04 29.98
C ALA A 647 25.06 -3.46 29.73
N LEU A 648 25.94 -3.09 30.65
CA LEU A 648 27.37 -3.39 30.58
C LEU A 648 27.82 -3.96 31.92
N VAL A 649 28.58 -5.05 31.87
CA VAL A 649 29.04 -5.71 33.09
C VAL A 649 30.43 -6.29 32.83
N GLN A 650 31.26 -6.26 33.86
CA GLN A 650 32.57 -6.90 33.82
C GLN A 650 32.40 -8.41 33.75
N PRO A 651 33.39 -9.16 33.18
CA PRO A 651 33.19 -10.61 32.95
C PRO A 651 33.01 -11.45 34.21
N GLY A 652 31.82 -12.00 34.36
CA GLY A 652 31.45 -12.78 35.53
C GLY A 652 30.07 -12.40 36.04
N GLY A 653 29.45 -11.41 35.41
CA GLY A 653 28.19 -10.88 35.87
C GLY A 653 27.00 -11.69 35.40
N SER A 654 25.81 -11.13 35.66
CA SER A 654 24.55 -11.78 35.33
C SER A 654 23.55 -10.73 34.89
N LEU A 655 22.62 -11.14 34.01
CA LEU A 655 21.70 -10.18 33.43
C LEU A 655 20.45 -10.90 32.95
N ARG A 656 19.34 -10.16 32.83
CA ARG A 656 18.05 -10.70 32.43
C ARG A 656 17.45 -9.83 31.33
N LEU A 657 17.22 -10.41 30.15
CA LEU A 657 16.58 -9.69 29.06
C LEU A 657 15.12 -10.09 28.94
N SER A 658 14.31 -9.14 28.47
CA SER A 658 12.88 -9.33 28.35
C SER A 658 12.39 -8.98 26.94
N CYS A 659 11.51 -9.83 26.42
CA CYS A 659 10.88 -9.65 25.12
C CYS A 659 9.37 -9.61 25.35
N ALA A 660 8.75 -8.46 25.11
CA ALA A 660 7.32 -8.28 25.32
C ALA A 660 6.63 -8.20 23.96
N ALA A 661 5.60 -9.02 23.78
CA ALA A 661 5.00 -9.23 22.47
C ALA A 661 3.49 -9.28 22.56
N SER A 662 2.83 -8.62 21.62
CA SER A 662 1.38 -8.60 21.52
C SER A 662 0.94 -9.21 20.19
N GLY A 663 -0.37 -9.31 20.02
CA GLY A 663 -0.96 -9.77 18.78
C GLY A 663 -1.08 -11.27 18.62
N PHE A 664 -0.60 -12.06 19.60
CA PHE A 664 -0.71 -13.52 19.52
C PHE A 664 -0.69 -14.07 20.94
N PRO A 665 -1.26 -15.25 21.16
CA PRO A 665 -1.05 -15.93 22.45
C PRO A 665 0.34 -16.54 22.49
N VAL A 666 1.10 -16.18 23.54
CA VAL A 666 2.49 -16.62 23.64
C VAL A 666 2.55 -18.11 24.00
N ASN A 667 1.59 -18.60 24.79
CA ASN A 667 1.56 -20.00 25.19
C ASN A 667 1.22 -20.95 24.04
N ARG A 668 0.67 -20.45 22.93
CA ARG A 668 0.36 -21.27 21.78
C ARG A 668 1.44 -21.29 20.71
N TYR A 669 2.48 -20.46 20.83
CA TYR A 669 3.50 -20.33 19.80
C TYR A 669 4.89 -20.49 20.40
N SER A 670 5.81 -20.99 19.58
CA SER A 670 7.20 -21.15 19.98
C SER A 670 7.95 -19.82 19.92
N MET A 671 9.02 -19.73 20.69
CA MET A 671 9.79 -18.48 20.81
C MET A 671 11.28 -18.79 20.69
N ARG A 672 12.02 -17.90 20.04
CA ARG A 672 13.46 -18.12 19.91
C ARG A 672 14.24 -16.84 20.19
N TRP A 673 15.49 -17.03 20.62
CA TRP A 673 16.40 -15.96 20.97
C TRP A 673 17.66 -16.08 20.13
N TYR A 674 17.99 -15.01 19.40
CA TYR A 674 19.09 -14.98 18.44
C TYR A 674 20.12 -13.94 18.86
N ARG A 675 21.31 -14.04 18.27
CA ARG A 675 22.48 -13.27 18.72
C ARG A 675 23.33 -12.90 17.52
N GLN A 676 23.58 -11.61 17.33
CA GLN A 676 24.49 -11.12 16.29
C GLN A 676 25.63 -10.36 16.95
N ALA A 677 26.82 -10.95 16.92
CA ALA A 677 28.02 -10.23 17.29
C ALA A 677 28.33 -9.19 16.20
N PRO A 678 28.92 -8.06 16.57
CA PRO A 678 29.30 -7.07 15.56
C PRO A 678 30.44 -7.59 14.68
N GLY A 679 30.19 -7.56 13.37
CA GLY A 679 31.11 -8.09 12.39
C GLY A 679 30.80 -9.51 11.94
N LYS A 680 30.02 -10.25 12.72
CA LYS A 680 29.59 -11.59 12.36
C LYS A 680 28.09 -11.62 12.09
N GLU A 681 27.63 -12.77 11.61
CA GLU A 681 26.24 -12.93 11.21
C GLU A 681 25.38 -13.30 12.44
N ARG A 682 24.15 -13.71 12.21
CA ARG A 682 23.25 -14.11 13.29
C ARG A 682 23.38 -15.60 13.56
N GLU A 683 23.42 -15.96 14.84
CA GLU A 683 23.37 -17.35 15.25
C GLU A 683 22.24 -17.55 16.25
N TRP A 684 21.60 -18.71 16.17
CA TRP A 684 20.62 -19.14 17.15
C TRP A 684 21.27 -19.34 18.51
N VAL A 685 20.53 -18.99 19.57
CA VAL A 685 20.96 -19.22 20.95
C VAL A 685 19.95 -20.06 21.72
N ALA A 686 18.69 -19.63 21.78
CA ALA A 686 17.74 -20.28 22.67
C ALA A 686 16.42 -20.54 21.97
N GLY A 687 15.72 -21.58 22.42
CA GLY A 687 14.43 -21.92 21.86
C GLY A 687 13.52 -22.57 22.88
N MET A 688 12.25 -22.16 22.84
CA MET A 688 11.19 -22.65 23.73
C MET A 688 10.00 -23.05 22.89
N SER A 689 9.42 -24.22 23.19
CA SER A 689 8.31 -24.77 22.43
C SER A 689 6.98 -24.23 22.97
N SER A 690 5.88 -24.85 22.55
CA SER A 690 4.55 -24.35 22.89
C SER A 690 4.07 -24.91 24.22
N ALA A 691 4.34 -26.19 24.48
CA ALA A 691 3.88 -26.82 25.73
C ALA A 691 4.66 -26.33 26.94
N GLY A 692 5.85 -25.76 26.74
CA GLY A 692 6.62 -25.24 27.85
C GLY A 692 7.43 -26.27 28.59
N ASP A 693 7.42 -27.53 28.17
CA ASP A 693 8.18 -28.57 28.84
C ASP A 693 9.60 -28.71 28.30
N ARG A 694 9.80 -28.45 27.02
CA ARG A 694 11.11 -28.62 26.38
C ARG A 694 11.70 -27.27 26.02
N SER A 695 13.04 -27.22 26.05
CA SER A 695 13.80 -26.06 25.64
C SER A 695 15.11 -26.56 25.03
N SER A 696 15.76 -25.69 24.26
CA SER A 696 17.01 -26.09 23.64
C SER A 696 17.94 -24.88 23.50
N TYR A 697 19.23 -25.15 23.60
CA TYR A 697 20.26 -24.11 23.63
C TYR A 697 21.42 -24.52 22.73
N GLU A 698 22.35 -23.58 22.53
CA GLU A 698 23.57 -23.81 21.78
C GLU A 698 24.66 -24.37 22.71
N ASP A 699 25.78 -24.78 22.13
CA ASP A 699 26.84 -25.42 22.90
C ASP A 699 27.59 -24.44 23.78
N SER A 700 27.79 -23.21 23.31
CA SER A 700 28.53 -22.22 24.09
C SER A 700 27.65 -21.51 25.11
N VAL A 701 26.34 -21.78 25.13
CA VAL A 701 25.43 -21.18 26.10
C VAL A 701 24.72 -22.24 26.94
N LYS A 702 25.13 -23.50 26.81
CA LYS A 702 24.46 -24.59 27.53
C LYS A 702 24.88 -24.57 28.99
N GLY A 703 23.89 -24.56 29.88
CA GLY A 703 24.13 -24.62 31.31
C GLY A 703 24.25 -23.29 32.01
N ARG A 704 24.51 -22.20 31.26
CA ARG A 704 24.63 -20.88 31.86
C ARG A 704 23.63 -19.89 31.28
N PHE A 705 22.61 -20.39 30.57
CA PHE A 705 21.49 -19.59 30.09
C PHE A 705 20.20 -20.32 30.44
N THR A 706 19.16 -19.55 30.77
CA THR A 706 17.83 -20.10 30.96
C THR A 706 16.81 -19.26 30.21
N ILE A 707 15.86 -19.94 29.58
CA ILE A 707 14.73 -19.30 28.91
C ILE A 707 13.48 -19.59 29.73
N SER A 708 12.60 -18.60 29.84
CA SER A 708 11.38 -18.76 30.63
C SER A 708 10.28 -17.88 30.05
N ARG A 709 9.06 -18.15 30.48
CA ARG A 709 7.87 -17.49 29.97
C ARG A 709 6.96 -17.09 31.11
N ASP A 710 6.47 -15.86 31.08
CA ASP A 710 5.35 -15.45 31.94
C ASP A 710 4.23 -15.05 30.98
N ASP A 711 3.27 -15.97 30.81
CA ASP A 711 2.23 -15.79 29.81
C ASP A 711 1.08 -14.92 30.28
N ALA A 712 1.04 -14.60 31.58
CA ALA A 712 0.10 -13.58 32.05
C ALA A 712 0.57 -12.19 31.63
N ARG A 713 1.86 -11.92 31.74
CA ARG A 713 2.44 -10.66 31.27
C ARG A 713 2.76 -10.68 29.78
N ASN A 714 2.63 -11.84 29.12
CA ASN A 714 3.02 -12.07 27.73
C ASN A 714 4.48 -11.68 27.49
N THR A 715 5.36 -12.18 28.34
CA THR A 715 6.77 -11.82 28.30
C THR A 715 7.65 -13.06 28.26
N VAL A 716 8.69 -13.01 27.44
CA VAL A 716 9.67 -14.07 27.32
C VAL A 716 10.98 -13.58 27.89
N TYR A 717 11.53 -14.32 28.85
CA TYR A 717 12.67 -13.88 29.64
C TYR A 717 13.88 -14.76 29.32
N LEU A 718 15.06 -14.16 29.29
CA LEU A 718 16.31 -14.90 29.14
C LEU A 718 17.28 -14.44 30.21
N GLN A 719 17.64 -15.36 31.10
CA GLN A 719 18.61 -15.11 32.17
C GLN A 719 19.96 -15.66 31.78
N MET A 720 21.00 -14.86 31.97
CA MET A 720 22.37 -15.29 31.71
C MET A 720 23.22 -15.05 32.94
N ASN A 721 24.09 -16.00 33.24
CA ASN A 721 25.12 -15.88 34.26
C ASN A 721 26.46 -16.36 33.71
N SER A 722 27.53 -15.92 34.37
CA SER A 722 28.92 -16.20 33.99
C SER A 722 29.21 -15.72 32.56
N LEU A 723 29.14 -14.41 32.38
CA LEU A 723 29.28 -13.80 31.06
C LEU A 723 30.75 -13.67 30.68
N LYS A 724 31.19 -14.50 29.74
CA LYS A 724 32.48 -14.35 29.11
C LYS A 724 32.42 -13.16 28.15
N PRO A 725 33.59 -12.55 27.78
CA PRO A 725 33.54 -11.41 26.86
C PRO A 725 33.29 -11.77 25.39
N GLU A 726 32.88 -13.00 25.11
CA GLU A 726 32.45 -13.40 23.78
C GLU A 726 30.97 -13.16 23.55
N ASP A 727 30.24 -12.60 24.52
CA ASP A 727 28.82 -12.34 24.41
C ASP A 727 28.49 -10.88 24.13
N THR A 728 29.47 -10.08 23.72
CA THR A 728 29.22 -8.69 23.33
C THR A 728 28.50 -8.70 21.98
N ALA A 729 27.19 -8.47 22.00
CA ALA A 729 26.37 -8.69 20.81
C ALA A 729 25.03 -7.99 20.93
N VAL A 730 24.29 -7.96 19.83
CA VAL A 730 22.91 -7.50 19.78
C VAL A 730 22.00 -8.72 19.77
N TYR A 731 21.05 -8.74 20.69
CA TYR A 731 20.20 -9.90 20.93
C TYR A 731 18.79 -9.62 20.38
N TYR A 732 18.26 -10.60 19.65
CA TYR A 732 17.00 -10.48 18.92
C TYR A 732 16.00 -11.54 19.39
N CYS A 733 14.72 -11.26 19.16
CA CYS A 733 13.63 -12.11 19.59
C CYS A 733 12.81 -12.51 18.37
N ASN A 734 12.53 -13.81 18.24
CA ASN A 734 12.02 -14.38 17.00
C ASN A 734 10.73 -15.14 17.26
N VAL A 735 9.68 -14.78 16.51
CA VAL A 735 8.40 -15.47 16.51
C VAL A 735 7.89 -15.46 15.06
N ASN A 736 7.10 -16.47 14.71
CA ASN A 736 6.61 -16.62 13.34
C ASN A 736 5.18 -17.13 13.42
N VAL A 737 4.24 -16.33 12.90
CA VAL A 737 2.82 -16.66 12.89
C VAL A 737 2.26 -16.76 11.47
N GLY A 738 3.13 -16.93 10.49
CA GLY A 738 2.74 -16.95 9.08
C GLY A 738 3.73 -16.14 8.28
N PHE A 739 4.22 -15.06 8.90
CA PHE A 739 5.43 -14.37 8.51
C PHE A 739 6.19 -14.11 9.79
N GLU A 740 7.51 -14.26 9.76
CA GLU A 740 8.29 -14.03 10.96
C GLU A 740 8.38 -12.54 11.27
N TYR A 741 8.32 -12.21 12.55
CA TYR A 741 8.45 -10.84 13.02
C TYR A 741 9.68 -10.74 13.90
N TRP A 742 10.68 -10.01 13.44
CA TRP A 742 11.90 -9.84 14.22
C TRP A 742 11.68 -8.77 15.29
N GLY A 743 12.49 -8.83 16.34
CA GLY A 743 12.36 -7.88 17.43
C GLY A 743 13.03 -6.55 17.16
N GLN A 744 13.51 -5.91 18.22
CA GLN A 744 14.24 -4.65 18.10
C GLN A 744 15.73 -4.80 18.40
N GLY A 745 16.10 -5.67 19.33
CA GLY A 745 17.49 -5.93 19.62
C GLY A 745 18.02 -5.16 20.81
N THR A 746 18.77 -5.82 21.68
CA THR A 746 19.43 -5.16 22.80
C THR A 746 20.93 -5.39 22.73
N GLN A 747 21.68 -4.34 23.04
CA GLN A 747 23.14 -4.40 23.01
C GLN A 747 23.65 -4.83 24.39
N VAL A 748 24.37 -5.94 24.43
CA VAL A 748 24.98 -6.43 25.66
C VAL A 748 26.49 -6.43 25.45
N THR A 749 27.20 -5.62 26.25
CA THR A 749 28.64 -5.52 26.18
C THR A 749 29.21 -6.09 27.47
N VAL A 750 30.15 -7.02 27.34
CA VAL A 750 30.82 -7.64 28.49
C VAL A 750 32.31 -7.38 28.30
N SER A 751 32.80 -6.31 28.91
CA SER A 751 34.21 -5.91 28.76
C SER A 751 35.07 -6.42 29.91
#